data_4LHQ
#
_entry.id   4LHQ
#
_cell.length_a   49.048
_cell.length_b   49.048
_cell.length_c   339.595
_cell.angle_alpha   90.000
_cell.angle_beta   90.000
_cell.angle_gamma   90.000
#
_symmetry.space_group_name_H-M   'P 41'
#
loop_
_entity.id
_entity.type
_entity.pdbx_description
1 polymer Ricin
2 polymer 'Camelid nanobody'
3 water water
#
loop_
_entity_poly.entity_id
_entity_poly.type
_entity_poly.pdbx_seq_one_letter_code
_entity_poly.pdbx_strand_id
1 'polypeptide(L)'
;KQYPIINFTTAGATVQSYTNFIRAVRGRLTTGADVRHEIPVLPNRVGLPINQRFILVELSNHAELSVTLALDVTNAYVVG
YRAGNSAYFFHPDNQEDAEAITHLFTDVQNRYTFAFGGNYDRLEQLAGNLRENIELGNGPLEEAISALYYYSTGGTQLPT
LARSFIICIQMISEAARFQYIEGEMRTRIRYNRRSAPDPSVITLENSWGRLSTAIQESNQGAFASPIQLQRRNGSKFSVY
DVSILIPIIALMVYRCAPPP
;
A,C
2 'polypeptide(L)'
;VQLVETGGGTVQTGGSLRLSCSASGGSFSRNAMGWFRQAPGKEREFVAAINWSASSTYYRDSVKGRFTVSRDNAKNTVYL
HLNSLKLEDTAAYYCAGSSVYAEMPYADSVKATSYNYWGQGTQVTVSS
;
B,D
#
# COMPACT_ATOMS: atom_id res chain seq x y z
N LYS A 1 -27.98 -12.28 34.34
CA LYS A 1 -27.57 -12.51 32.96
C LYS A 1 -26.06 -12.28 32.77
N GLN A 2 -25.55 -12.62 31.58
CA GLN A 2 -24.13 -12.46 31.29
C GLN A 2 -23.80 -11.06 30.79
N TYR A 3 -22.57 -10.87 30.31
CA TYR A 3 -22.15 -9.58 29.77
C TYR A 3 -23.04 -9.14 28.60
N PRO A 4 -23.22 -7.82 28.42
CA PRO A 4 -24.04 -7.28 27.34
C PRO A 4 -23.60 -7.77 25.96
N ILE A 5 -24.54 -7.86 25.03
CA ILE A 5 -24.22 -8.30 23.68
C ILE A 5 -24.70 -7.29 22.66
N ILE A 6 -23.75 -6.70 21.94
CA ILE A 6 -24.08 -5.82 20.83
C ILE A 6 -23.97 -6.63 19.55
N ASN A 7 -25.08 -6.76 18.85
CA ASN A 7 -25.15 -7.64 17.69
C ASN A 7 -24.92 -6.89 16.38
N PHE A 8 -24.17 -7.50 15.48
CA PHE A 8 -23.93 -6.92 14.18
C PHE A 8 -23.68 -7.98 13.10
N THR A 9 -24.06 -7.67 11.86
CA THR A 9 -23.90 -8.61 10.76
C THR A 9 -23.39 -7.92 9.49
N THR A 10 -22.61 -8.65 8.69
CA THR A 10 -22.12 -8.13 7.42
C THR A 10 -23.08 -8.46 6.27
N ALA A 11 -24.22 -9.06 6.60
CA ALA A 11 -25.25 -9.37 5.61
C ALA A 11 -26.00 -8.10 5.21
N GLY A 12 -26.80 -7.56 6.13
CA GLY A 12 -27.40 -6.26 5.87
C GLY A 12 -26.26 -5.26 5.81
N ALA A 13 -26.14 -4.60 4.67
CA ALA A 13 -24.95 -3.81 4.39
C ALA A 13 -25.15 -2.35 4.77
N THR A 14 -26.31 -2.05 5.35
CA THR A 14 -26.69 -0.65 5.56
C THR A 14 -25.57 0.06 6.29
N VAL A 15 -25.13 1.17 5.72
CA VAL A 15 -24.00 1.93 6.25
C VAL A 15 -24.45 2.74 7.44
N GLN A 16 -25.76 2.80 7.66
CA GLN A 16 -26.32 3.36 8.87
C GLN A 16 -26.15 2.36 10.02
N SER A 17 -26.73 1.18 9.87
CA SER A 17 -26.70 0.16 10.92
C SER A 17 -25.29 -0.06 11.46
N TYR A 18 -24.27 0.08 10.61
CA TYR A 18 -22.89 0.05 11.09
C TYR A 18 -22.70 1.08 12.19
N THR A 19 -23.15 2.30 11.90
CA THR A 19 -23.02 3.41 12.84
C THR A 19 -23.82 3.15 14.11
N ASN A 20 -25.08 2.76 13.95
CA ASN A 20 -25.93 2.43 15.07
C ASN A 20 -25.26 1.38 15.94
N PHE A 21 -24.43 0.56 15.31
CA PHE A 21 -23.69 -0.49 16.00
C PHE A 21 -22.51 0.05 16.82
N ILE A 22 -21.68 0.89 16.19
CA ILE A 22 -20.53 1.47 16.86
C ILE A 22 -21.00 2.37 18.00
N ARG A 23 -22.20 2.91 17.85
CA ARG A 23 -22.79 3.73 18.90
C ARG A 23 -23.42 2.88 19.98
N ALA A 24 -23.85 1.67 19.61
CA ALA A 24 -24.31 0.72 20.60
C ALA A 24 -23.13 0.32 21.46
N VAL A 25 -21.99 0.07 20.81
CA VAL A 25 -20.78 -0.35 21.51
C VAL A 25 -20.31 0.71 22.48
N ARG A 26 -20.09 1.92 21.97
CA ARG A 26 -19.68 3.04 22.81
C ARG A 26 -20.65 3.25 23.98
N GLY A 27 -21.93 2.98 23.75
CA GLY A 27 -22.93 3.15 24.78
C GLY A 27 -22.76 2.19 25.93
N ARG A 28 -22.31 0.98 25.60
CA ARG A 28 -21.99 -0.04 26.60
C ARG A 28 -20.59 0.14 27.23
N LEU A 29 -19.65 0.65 26.45
CA LEU A 29 -18.28 0.84 26.92
C LEU A 29 -18.18 1.82 28.09
N THR A 30 -18.93 2.91 28.02
CA THR A 30 -19.03 3.81 29.15
C THR A 30 -20.47 4.25 29.34
N THR A 31 -20.71 4.98 30.41
CA THR A 31 -22.00 5.57 30.67
C THR A 31 -21.99 7.03 30.26
N GLY A 32 -20.85 7.50 29.79
CA GLY A 32 -20.61 8.92 29.72
C GLY A 32 -20.47 9.38 31.16
N ALA A 33 -20.98 10.57 31.46
CA ALA A 33 -21.02 11.09 32.82
C ALA A 33 -19.62 11.40 33.35
N ASP A 34 -18.61 10.89 32.64
CA ASP A 34 -17.27 11.39 32.81
C ASP A 34 -16.82 11.73 31.40
N VAL A 35 -16.64 13.02 31.18
CA VAL A 35 -16.24 13.52 29.89
C VAL A 35 -15.24 14.63 30.12
N ARG A 36 -14.09 14.53 29.47
CA ARG A 36 -13.08 15.56 29.56
C ARG A 36 -13.09 16.33 28.24
N HIS A 37 -13.54 17.58 28.30
CA HIS A 37 -13.68 18.40 27.09
C HIS A 37 -14.55 17.69 26.05
N GLU A 38 -15.72 17.22 26.48
CA GLU A 38 -16.69 16.61 25.57
C GLU A 38 -16.30 15.21 25.12
N ILE A 39 -15.11 14.77 25.51
CA ILE A 39 -14.66 13.41 25.21
C ILE A 39 -14.85 12.52 26.43
N PRO A 40 -15.73 11.51 26.30
CA PRO A 40 -16.00 10.57 27.40
C PRO A 40 -14.78 9.74 27.76
N VAL A 41 -14.59 9.51 29.05
CA VAL A 41 -13.51 8.66 29.51
C VAL A 41 -14.08 7.29 29.86
N LEU A 42 -13.39 6.24 29.45
CA LEU A 42 -13.78 4.89 29.80
C LEU A 42 -13.71 4.70 31.31
N PRO A 43 -14.48 3.73 31.84
CA PRO A 43 -14.50 3.51 33.29
C PRO A 43 -13.13 3.13 33.84
N ASN A 44 -12.82 3.65 35.02
CA ASN A 44 -11.57 3.36 35.69
C ASN A 44 -11.49 1.88 36.03
N ARG A 45 -10.39 1.25 35.64
CA ARG A 45 -10.21 -0.18 35.85
C ARG A 45 -10.11 -0.53 37.33
N VAL A 46 -9.81 0.47 38.15
CA VAL A 46 -9.61 0.26 39.58
C VAL A 46 -10.92 0.35 40.33
N GLY A 47 -11.35 -0.76 40.93
CA GLY A 47 -12.61 -0.81 41.63
C GLY A 47 -13.74 -1.37 40.78
N LEU A 48 -13.48 -1.48 39.48
CA LEU A 48 -14.48 -2.00 38.56
C LEU A 48 -14.73 -3.50 38.73
N PRO A 49 -15.97 -3.88 39.06
CA PRO A 49 -16.44 -5.27 39.22
C PRO A 49 -16.31 -6.07 37.93
N ILE A 50 -15.88 -7.33 38.01
CA ILE A 50 -15.67 -8.14 36.83
C ILE A 50 -16.96 -8.33 36.05
N ASN A 51 -18.09 -8.37 36.75
CA ASN A 51 -19.37 -8.55 36.10
C ASN A 51 -19.68 -7.32 35.25
N GLN A 52 -19.03 -6.21 35.59
CA GLN A 52 -19.08 -4.99 34.78
C GLN A 52 -17.88 -4.74 33.85
N ARG A 53 -16.91 -5.64 33.82
CA ARG A 53 -15.66 -5.35 33.12
C ARG A 53 -15.57 -5.73 31.65
N PHE A 54 -16.53 -6.47 31.14
CA PHE A 54 -16.46 -6.90 29.74
C PHE A 54 -17.71 -6.63 28.94
N ILE A 55 -17.52 -6.62 27.62
CA ILE A 55 -18.60 -6.40 26.67
C ILE A 55 -18.49 -7.50 25.61
N LEU A 56 -19.63 -7.97 25.11
CA LEU A 56 -19.62 -8.98 24.06
C LEU A 56 -20.13 -8.43 22.73
N VAL A 57 -19.28 -8.51 21.71
CA VAL A 57 -19.68 -8.12 20.36
C VAL A 57 -19.81 -9.37 19.50
N GLU A 58 -21.05 -9.70 19.14
CA GLU A 58 -21.30 -10.85 18.26
C GLU A 58 -21.28 -10.42 16.80
N LEU A 59 -20.68 -11.24 15.95
CA LEU A 59 -20.47 -10.90 14.54
C LEU A 59 -20.91 -11.99 13.57
N SER A 60 -21.82 -11.65 12.66
CA SER A 60 -22.36 -12.62 11.71
C SER A 60 -21.82 -12.42 10.30
N ASN A 61 -21.71 -13.51 9.55
CA ASN A 61 -21.25 -13.47 8.17
C ASN A 61 -22.40 -13.55 7.17
N HIS A 62 -22.07 -13.51 5.88
CA HIS A 62 -23.06 -13.81 4.84
C HIS A 62 -23.09 -15.31 4.57
N ALA A 63 -22.10 -15.99 5.13
CA ALA A 63 -22.07 -17.45 5.16
C ALA A 63 -22.73 -17.88 6.47
N GLU A 64 -23.20 -16.89 7.22
CA GLU A 64 -23.90 -17.14 8.49
C GLU A 64 -23.03 -17.84 9.53
N LEU A 65 -21.81 -17.31 9.72
CA LEU A 65 -20.90 -17.82 10.75
C LEU A 65 -20.82 -16.85 11.93
N SER A 66 -21.22 -17.30 13.11
CA SER A 66 -21.24 -16.43 14.29
C SER A 66 -20.04 -16.61 15.21
N VAL A 67 -19.42 -15.50 15.57
CA VAL A 67 -18.27 -15.47 16.45
C VAL A 67 -18.45 -14.33 17.46
N THR A 68 -18.40 -14.66 18.75
CA THR A 68 -18.58 -13.67 19.81
C THR A 68 -17.24 -13.13 20.32
N LEU A 69 -17.13 -11.81 20.39
CA LEU A 69 -15.90 -11.14 20.81
C LEU A 69 -16.02 -10.47 22.17
N ALA A 70 -14.96 -10.54 22.96
CA ALA A 70 -14.95 -9.92 24.28
C ALA A 70 -14.00 -8.74 24.34
N LEU A 71 -14.52 -7.60 24.78
CA LEU A 71 -13.71 -6.38 24.91
C LEU A 71 -13.60 -5.97 26.37
N ASP A 72 -12.47 -5.38 26.73
CA ASP A 72 -12.27 -4.82 28.06
C ASP A 72 -12.83 -3.41 28.06
N VAL A 73 -13.83 -3.14 28.90
CA VAL A 73 -14.49 -1.83 28.91
C VAL A 73 -13.60 -0.71 29.43
N THR A 74 -12.46 -1.08 30.01
CA THR A 74 -11.48 -0.08 30.43
C THR A 74 -10.66 0.45 29.26
N ASN A 75 -10.09 -0.45 28.45
CA ASN A 75 -9.42 -0.06 27.20
C ASN A 75 -10.17 -0.24 25.87
N ALA A 76 -11.36 -0.82 25.91
CA ALA A 76 -12.13 -1.12 24.70
C ALA A 76 -11.39 -2.04 23.73
N TYR A 77 -10.47 -2.84 24.24
CA TYR A 77 -9.62 -3.68 23.41
C TYR A 77 -10.09 -5.13 23.52
N VAL A 78 -9.91 -5.89 22.44
CA VAL A 78 -10.37 -7.27 22.43
C VAL A 78 -9.46 -8.19 23.24
N VAL A 79 -10.05 -8.87 24.22
CA VAL A 79 -9.31 -9.78 25.09
C VAL A 79 -9.34 -11.24 24.61
N GLY A 80 -10.17 -11.54 23.63
CA GLY A 80 -10.38 -12.92 23.20
C GLY A 80 -11.73 -13.10 22.50
N TYR A 81 -11.99 -14.32 22.02
CA TYR A 81 -13.24 -14.60 21.32
C TYR A 81 -13.81 -16.00 21.55
N ARG A 82 -14.98 -16.25 20.97
CA ARG A 82 -15.62 -17.54 21.07
C ARG A 82 -16.19 -17.95 19.71
N ALA A 83 -15.78 -19.12 19.22
CA ALA A 83 -16.35 -19.68 17.99
C ALA A 83 -16.73 -21.12 18.23
N GLY A 84 -18.03 -21.42 18.12
CA GLY A 84 -18.54 -22.72 18.47
C GLY A 84 -18.43 -22.94 19.97
N ASN A 85 -17.93 -24.10 20.36
CA ASN A 85 -17.72 -24.43 21.77
C ASN A 85 -16.29 -24.15 22.27
N SER A 86 -15.46 -23.56 21.42
CA SER A 86 -14.07 -23.25 21.78
C SER A 86 -13.85 -21.75 22.00
N ALA A 87 -13.09 -21.38 23.04
CA ALA A 87 -12.83 -19.98 23.34
C ALA A 87 -11.33 -19.68 23.46
N TYR A 88 -10.90 -18.61 22.78
CA TYR A 88 -9.48 -18.30 22.68
C TYR A 88 -9.17 -16.92 23.27
N PHE A 89 -8.22 -16.86 24.21
CA PHE A 89 -7.87 -15.61 24.87
C PHE A 89 -6.45 -15.17 24.58
N PHE A 90 -6.25 -13.86 24.50
CA PHE A 90 -4.91 -13.28 24.38
C PHE A 90 -4.18 -13.47 25.68
N HIS A 91 -2.85 -13.41 25.63
CA HIS A 91 -2.06 -13.53 26.84
C HIS A 91 -2.26 -12.34 27.76
N PRO A 92 -2.74 -12.59 28.99
CA PRO A 92 -3.03 -11.65 30.07
C PRO A 92 -1.77 -11.16 30.76
N ASP A 93 -1.15 -10.12 30.21
CA ASP A 93 0.23 -9.77 30.59
C ASP A 93 0.46 -9.49 32.08
N ASN A 94 -0.61 -9.34 32.86
CA ASN A 94 -0.46 -9.30 34.31
C ASN A 94 -1.38 -10.26 35.08
N GLN A 95 -1.03 -10.50 36.34
CA GLN A 95 -1.74 -11.45 37.20
C GLN A 95 -3.23 -11.15 37.33
N GLU A 96 -3.54 -9.90 37.66
CA GLU A 96 -4.91 -9.49 37.94
C GLU A 96 -5.82 -9.69 36.73
N ASP A 97 -5.27 -9.47 35.54
CA ASP A 97 -6.01 -9.64 34.29
C ASP A 97 -6.28 -11.11 34.00
N ALA A 98 -5.28 -11.94 34.23
CA ALA A 98 -5.43 -13.37 34.06
C ALA A 98 -6.68 -13.85 34.80
N GLU A 99 -6.81 -13.43 36.05
CA GLU A 99 -7.95 -13.82 36.86
C GLU A 99 -9.28 -13.40 36.21
N ALA A 100 -9.31 -12.19 35.69
CA ALA A 100 -10.55 -11.59 35.22
C ALA A 100 -11.13 -12.24 33.96
N ILE A 101 -10.26 -12.63 33.04
CA ILE A 101 -10.70 -13.17 31.76
C ILE A 101 -11.32 -14.57 31.89
N THR A 102 -11.15 -15.18 33.06
CA THR A 102 -11.74 -16.49 33.32
C THR A 102 -13.24 -16.36 33.56
N HIS A 103 -13.72 -15.13 33.69
CA HIS A 103 -15.14 -14.88 33.86
C HIS A 103 -15.83 -14.81 32.51
N LEU A 104 -15.04 -14.93 31.46
CA LEU A 104 -15.54 -14.87 30.09
C LEU A 104 -15.80 -16.26 29.55
N PHE A 105 -16.98 -16.44 28.95
CA PHE A 105 -17.33 -17.70 28.32
C PHE A 105 -17.11 -18.89 29.23
N THR A 106 -17.53 -18.73 30.49
CA THR A 106 -17.36 -19.79 31.46
C THR A 106 -18.01 -21.10 31.00
N ASP A 107 -19.08 -20.98 30.22
CA ASP A 107 -19.85 -22.14 29.78
C ASP A 107 -19.33 -22.72 28.47
N VAL A 108 -18.25 -22.14 27.96
CA VAL A 108 -17.60 -22.66 26.77
C VAL A 108 -16.88 -23.94 27.14
N GLN A 109 -16.58 -24.78 26.16
CA GLN A 109 -15.98 -26.07 26.43
C GLN A 109 -14.45 -26.04 26.46
N ASN A 110 -13.84 -25.72 25.33
CA ASN A 110 -12.38 -25.68 25.24
C ASN A 110 -11.84 -24.25 25.33
N ARG A 111 -11.17 -23.95 26.43
CA ARG A 111 -10.62 -22.63 26.66
C ARG A 111 -9.13 -22.59 26.38
N TYR A 112 -8.75 -21.80 25.38
CA TYR A 112 -7.34 -21.62 25.02
C TYR A 112 -6.87 -20.25 25.42
N THR A 113 -5.59 -20.17 25.78
CA THR A 113 -4.93 -18.89 26.00
C THR A 113 -3.65 -18.86 25.16
N PHE A 114 -3.56 -17.91 24.24
CA PHE A 114 -2.40 -17.81 23.37
C PHE A 114 -1.15 -17.43 24.16
N ALA A 115 0.02 -17.71 23.60
CA ALA A 115 1.28 -17.34 24.23
C ALA A 115 1.60 -15.90 23.90
N PHE A 116 0.78 -15.30 23.04
CA PHE A 116 1.00 -13.94 22.58
C PHE A 116 -0.13 -13.00 22.96
N GLY A 117 0.17 -11.71 23.03
CA GLY A 117 -0.82 -10.69 23.31
C GLY A 117 -1.55 -10.24 22.06
N GLY A 118 -2.47 -9.30 22.21
CA GLY A 118 -3.24 -8.82 21.09
C GLY A 118 -2.75 -7.52 20.48
N ASN A 119 -1.56 -7.07 20.89
CA ASN A 119 -1.02 -5.83 20.36
C ASN A 119 -0.52 -5.96 18.92
N TYR A 120 -0.67 -4.87 18.17
CA TYR A 120 -0.38 -4.82 16.75
C TYR A 120 0.97 -5.43 16.36
N ASP A 121 2.04 -4.83 16.86
CA ASP A 121 3.37 -5.21 16.42
C ASP A 121 3.57 -6.72 16.55
N ARG A 122 2.84 -7.34 17.46
CA ARG A 122 2.88 -8.79 17.64
C ARG A 122 2.14 -9.55 16.54
N LEU A 123 0.91 -9.14 16.27
CA LEU A 123 0.09 -9.78 15.24
C LEU A 123 0.61 -9.43 13.86
N GLU A 124 1.26 -8.27 13.76
CA GLU A 124 1.85 -7.84 12.49
C GLU A 124 2.91 -8.82 12.03
N GLN A 125 3.35 -9.69 12.93
CA GLN A 125 4.30 -10.72 12.57
C GLN A 125 3.56 -11.94 12.01
N LEU A 126 2.82 -12.60 12.89
CA LEU A 126 2.15 -13.83 12.54
C LEU A 126 1.36 -13.68 11.24
N ALA A 127 0.73 -12.53 11.06
CA ALA A 127 0.01 -12.24 9.83
C ALA A 127 0.98 -12.23 8.65
N GLY A 128 2.22 -11.87 8.93
CA GLY A 128 3.28 -11.88 7.92
C GLY A 128 3.32 -10.57 7.18
N ASN A 129 2.19 -9.87 7.22
CA ASN A 129 2.04 -8.55 6.62
C ASN A 129 2.03 -7.53 7.74
N LEU A 130 1.81 -6.26 7.39
CA LEU A 130 1.71 -5.21 8.39
C LEU A 130 0.37 -4.50 8.26
N ARG A 131 -0.02 -3.75 9.29
CA ARG A 131 -1.24 -2.95 9.23
C ARG A 131 -1.27 -2.15 7.93
N GLU A 132 -0.14 -1.53 7.60
CA GLU A 132 -0.02 -0.72 6.39
C GLU A 132 -0.41 -1.50 5.15
N ASN A 133 0.03 -2.75 5.07
CA ASN A 133 -0.25 -3.58 3.91
C ASN A 133 -1.53 -4.44 4.01
N ILE A 134 -2.16 -4.45 5.18
CA ILE A 134 -3.34 -5.30 5.39
C ILE A 134 -4.67 -4.60 5.06
N GLU A 135 -5.48 -5.28 4.26
CA GLU A 135 -6.74 -4.74 3.74
C GLU A 135 -7.85 -4.72 4.80
N LEU A 136 -8.64 -3.65 4.77
CA LEU A 136 -9.79 -3.50 5.67
C LEU A 136 -11.06 -3.08 4.91
N GLY A 137 -12.13 -2.82 5.65
CA GLY A 137 -13.43 -2.55 5.07
C GLY A 137 -14.35 -3.74 5.28
N ASN A 138 -15.58 -3.65 4.78
CA ASN A 138 -16.56 -4.72 4.96
C ASN A 138 -16.15 -6.03 4.29
N GLY A 139 -15.23 -5.93 3.33
CA GLY A 139 -14.74 -7.12 2.65
C GLY A 139 -13.94 -8.02 3.55
N PRO A 140 -12.88 -7.51 4.17
CA PRO A 140 -12.05 -8.33 5.05
C PRO A 140 -12.80 -8.75 6.30
N LEU A 141 -13.90 -8.08 6.60
CA LEU A 141 -14.63 -8.36 7.81
C LEU A 141 -15.49 -9.62 7.70
N GLU A 142 -15.87 -9.96 6.48
CA GLU A 142 -16.58 -11.20 6.27
C GLU A 142 -15.59 -12.36 6.39
N GLU A 143 -14.41 -12.19 5.81
CA GLU A 143 -13.38 -13.23 5.82
C GLU A 143 -12.65 -13.32 7.15
N ALA A 144 -12.61 -12.22 7.90
CA ALA A 144 -11.98 -12.21 9.20
C ALA A 144 -12.75 -13.14 10.15
N ILE A 145 -14.05 -13.24 9.92
CA ILE A 145 -14.94 -14.09 10.70
C ILE A 145 -14.82 -15.56 10.33
N SER A 146 -14.85 -15.84 9.02
CA SER A 146 -14.74 -17.20 8.52
C SER A 146 -13.40 -17.80 8.91
N ALA A 147 -12.46 -16.93 9.25
CA ALA A 147 -11.17 -17.35 9.77
C ALA A 147 -11.35 -17.79 11.21
N LEU A 148 -11.75 -16.85 12.05
CA LEU A 148 -11.97 -17.14 13.46
C LEU A 148 -12.89 -18.35 13.68
N TYR A 149 -14.07 -18.34 13.08
CA TYR A 149 -15.00 -19.45 13.27
C TYR A 149 -14.34 -20.78 12.89
N TYR A 150 -13.54 -20.76 11.83
CA TYR A 150 -12.91 -21.97 11.33
C TYR A 150 -11.56 -22.26 11.97
N TYR A 151 -11.16 -21.44 12.94
CA TYR A 151 -9.92 -21.70 13.65
C TYR A 151 -10.09 -22.85 14.63
N SER A 152 -11.23 -22.86 15.32
CA SER A 152 -11.56 -23.93 16.24
C SER A 152 -11.46 -25.28 15.55
N THR A 153 -11.76 -25.30 14.25
CA THR A 153 -11.74 -26.54 13.47
C THR A 153 -10.36 -26.79 12.84
N GLY A 154 -9.41 -25.91 13.12
CA GLY A 154 -8.08 -26.04 12.55
C GLY A 154 -8.09 -25.87 11.04
N GLY A 155 -9.12 -25.20 10.54
CA GLY A 155 -9.24 -24.95 9.11
C GLY A 155 -8.69 -23.58 8.71
N THR A 156 -8.15 -22.85 9.68
CA THR A 156 -7.52 -21.57 9.40
C THR A 156 -6.12 -21.50 9.98
N GLN A 157 -5.16 -21.15 9.13
CA GLN A 157 -3.77 -21.02 9.54
C GLN A 157 -3.65 -19.88 10.53
N LEU A 158 -2.62 -19.94 11.37
CA LEU A 158 -2.34 -18.88 12.32
C LEU A 158 -1.98 -17.56 11.62
N PRO A 159 -1.20 -17.62 10.54
CA PRO A 159 -0.85 -16.35 9.89
C PRO A 159 -2.10 -15.61 9.45
N THR A 160 -3.03 -16.30 8.82
CA THR A 160 -4.27 -15.69 8.39
C THR A 160 -5.18 -15.45 9.58
N LEU A 161 -4.87 -16.09 10.71
CA LEU A 161 -5.64 -15.92 11.93
C LEU A 161 -5.26 -14.63 12.65
N ALA A 162 -3.96 -14.32 12.68
CA ALA A 162 -3.50 -13.07 13.28
C ALA A 162 -3.83 -11.95 12.33
N ARG A 163 -3.77 -12.26 11.03
CA ARG A 163 -4.19 -11.33 10.00
C ARG A 163 -5.66 -10.97 10.23
N SER A 164 -6.47 -11.99 10.53
CA SER A 164 -7.89 -11.79 10.77
C SER A 164 -8.13 -11.04 12.07
N PHE A 165 -7.18 -11.12 12.99
CA PHE A 165 -7.25 -10.36 14.23
C PHE A 165 -7.07 -8.89 13.94
N ILE A 166 -6.04 -8.57 13.16
CA ILE A 166 -5.68 -7.20 12.86
C ILE A 166 -6.82 -6.44 12.20
N ILE A 167 -7.61 -7.16 11.40
CA ILE A 167 -8.75 -6.57 10.72
C ILE A 167 -9.87 -6.23 11.71
N CYS A 168 -10.23 -7.21 12.54
CA CYS A 168 -11.29 -7.05 13.54
C CYS A 168 -11.06 -5.86 14.47
N ILE A 169 -9.97 -5.92 15.23
CA ILE A 169 -9.66 -4.89 16.22
C ILE A 169 -9.87 -3.49 15.66
N GLN A 170 -9.09 -3.15 14.64
CA GLN A 170 -9.19 -1.84 14.00
C GLN A 170 -10.63 -1.48 13.65
N MET A 171 -11.38 -2.45 13.13
CA MET A 171 -12.72 -2.16 12.63
C MET A 171 -13.78 -2.13 13.74
N ILE A 172 -13.42 -2.62 14.93
CA ILE A 172 -14.30 -2.48 16.08
C ILE A 172 -13.73 -1.52 17.10
N SER A 173 -12.70 -1.98 17.80
CA SER A 173 -12.07 -1.23 18.88
C SER A 173 -11.71 0.20 18.46
N GLU A 174 -10.76 0.29 17.53
CA GLU A 174 -10.29 1.60 17.10
C GLU A 174 -11.42 2.45 16.50
N ALA A 175 -12.35 1.80 15.82
CA ALA A 175 -13.50 2.51 15.26
C ALA A 175 -14.32 3.16 16.37
N ALA A 176 -14.48 2.46 17.49
CA ALA A 176 -15.22 3.01 18.62
C ALA A 176 -14.38 4.00 19.43
N ARG A 177 -13.06 3.88 19.33
CA ARG A 177 -12.17 4.78 20.05
C ARG A 177 -12.08 6.12 19.33
N PHE A 178 -12.16 6.09 18.02
CA PHE A 178 -12.07 7.29 17.22
C PHE A 178 -13.32 7.52 16.37
N GLN A 179 -13.85 8.75 16.38
CA GLN A 179 -14.93 9.09 15.46
C GLN A 179 -14.37 9.08 14.05
N TYR A 180 -13.14 9.57 13.93
CA TYR A 180 -12.46 9.63 12.63
C TYR A 180 -12.34 8.26 12.01
N ILE A 181 -11.74 7.35 12.75
CA ILE A 181 -11.52 5.99 12.27
C ILE A 181 -12.84 5.26 12.08
N GLU A 182 -13.84 5.59 12.89
CA GLU A 182 -15.17 5.04 12.67
C GLU A 182 -15.70 5.44 11.30
N GLY A 183 -15.70 6.74 11.04
CA GLY A 183 -16.18 7.26 9.77
C GLY A 183 -15.47 6.66 8.59
N GLU A 184 -14.18 6.43 8.74
CA GLU A 184 -13.36 5.89 7.66
C GLU A 184 -13.86 4.53 7.16
N MET A 185 -14.53 3.79 8.03
CA MET A 185 -15.04 2.46 7.67
C MET A 185 -16.32 2.54 6.87
N ARG A 186 -17.21 3.45 7.27
CA ARG A 186 -18.44 3.69 6.53
C ARG A 186 -18.15 4.02 5.07
N THR A 187 -17.07 4.78 4.86
CA THR A 187 -16.65 5.17 3.52
C THR A 187 -16.36 3.96 2.64
N ARG A 188 -15.51 3.08 3.13
CA ARG A 188 -15.12 1.89 2.39
C ARG A 188 -16.34 1.05 2.09
N ILE A 189 -17.41 1.32 2.81
CA ILE A 189 -18.64 0.54 2.71
C ILE A 189 -19.66 1.17 1.77
N ARG A 190 -20.11 2.37 2.07
CA ARG A 190 -21.16 3.01 1.28
C ARG A 190 -20.93 2.88 -0.22
N TYR A 191 -19.69 3.03 -0.64
CA TYR A 191 -19.33 2.76 -2.04
C TYR A 191 -18.91 1.31 -2.20
N ASN A 192 -18.97 0.56 -1.12
CA ASN A 192 -18.52 -0.83 -1.10
C ASN A 192 -17.10 -0.98 -1.66
N ARG A 193 -16.14 -0.37 -0.98
CA ARG A 193 -14.74 -0.59 -1.34
C ARG A 193 -14.03 -1.31 -0.22
N ARG A 194 -12.78 -1.64 -0.45
CA ARG A 194 -11.95 -2.27 0.56
C ARG A 194 -10.53 -1.81 0.31
N SER A 195 -9.79 -1.52 1.38
CA SER A 195 -8.41 -1.05 1.23
C SER A 195 -7.65 -1.04 2.55
N ALA A 196 -6.38 -0.65 2.49
CA ALA A 196 -5.52 -0.57 3.67
C ALA A 196 -5.61 0.81 4.32
N PRO A 197 -5.28 0.89 5.61
CA PRO A 197 -5.32 2.14 6.38
C PRO A 197 -4.17 3.10 6.08
N ASP A 198 -4.45 4.40 6.12
CA ASP A 198 -3.44 5.45 5.92
C ASP A 198 -2.75 5.85 7.23
N PRO A 199 -1.56 6.46 7.13
CA PRO A 199 -0.81 6.92 8.30
C PRO A 199 -1.68 7.75 9.22
N SER A 200 -2.67 8.43 8.65
CA SER A 200 -3.62 9.19 9.44
C SER A 200 -4.16 8.31 10.53
N VAL A 201 -4.58 7.10 10.15
CA VAL A 201 -5.16 6.14 11.09
C VAL A 201 -4.09 5.48 11.97
N ILE A 202 -3.17 4.76 11.34
CA ILE A 202 -2.17 4.02 12.09
C ILE A 202 -1.57 4.90 13.18
N THR A 203 -1.16 6.11 12.82
CA THR A 203 -0.56 7.00 13.80
C THR A 203 -1.55 7.32 14.91
N LEU A 204 -2.83 7.30 14.59
CA LEU A 204 -3.88 7.46 15.60
C LEU A 204 -3.94 6.26 16.53
N GLU A 205 -3.86 5.07 15.94
CA GLU A 205 -3.93 3.84 16.70
C GLU A 205 -2.79 3.78 17.69
N ASN A 206 -1.57 3.89 17.19
CA ASN A 206 -0.40 3.89 18.05
C ASN A 206 -0.45 4.98 19.12
N SER A 207 -1.18 6.05 18.80
CA SER A 207 -1.20 7.22 19.66
C SER A 207 -2.39 7.30 20.62
N TRP A 208 -3.31 6.36 20.54
CA TRP A 208 -4.54 6.48 21.32
C TRP A 208 -4.31 6.53 22.82
N GLY A 209 -3.56 5.56 23.34
CA GLY A 209 -3.22 5.56 24.75
C GLY A 209 -2.38 6.77 25.11
N ARG A 210 -1.60 7.23 24.13
CA ARG A 210 -0.79 8.43 24.26
C ARG A 210 -1.66 9.68 24.44
N LEU A 211 -2.60 9.86 23.51
CA LEU A 211 -3.48 11.01 23.51
C LEU A 211 -4.31 11.07 24.79
N SER A 212 -4.93 9.94 25.13
CA SER A 212 -5.73 9.86 26.33
C SER A 212 -4.95 10.43 27.50
N THR A 213 -3.70 10.03 27.60
CA THR A 213 -2.81 10.54 28.62
C THR A 213 -2.62 12.06 28.46
N ALA A 214 -2.27 12.47 27.25
CA ALA A 214 -1.97 13.87 26.97
C ALA A 214 -3.16 14.76 27.26
N ILE A 215 -4.34 14.26 26.94
CA ILE A 215 -5.57 15.05 27.09
C ILE A 215 -5.94 15.24 28.55
N GLN A 216 -5.86 14.18 29.33
CA GLN A 216 -6.31 14.21 30.71
C GLN A 216 -5.31 14.92 31.64
N GLU A 217 -4.04 14.90 31.26
CA GLU A 217 -3.00 15.59 32.02
C GLU A 217 -2.75 17.00 31.50
N SER A 218 -3.51 17.38 30.47
CA SER A 218 -3.37 18.69 29.86
C SER A 218 -3.80 19.78 30.82
N ASN A 219 -3.22 20.96 30.67
CA ASN A 219 -3.67 22.10 31.44
C ASN A 219 -4.71 22.81 30.61
N GLN A 220 -5.95 22.74 31.09
CA GLN A 220 -7.09 23.36 30.42
C GLN A 220 -7.15 22.99 28.93
N GLY A 221 -6.75 21.75 28.62
CA GLY A 221 -6.80 21.26 27.26
C GLY A 221 -5.49 21.40 26.51
N ALA A 222 -4.56 22.16 27.09
CA ALA A 222 -3.29 22.42 26.43
C ALA A 222 -2.27 21.35 26.84
N PHE A 223 -1.85 20.56 25.85
CA PHE A 223 -0.91 19.48 26.11
C PHE A 223 0.39 19.98 26.72
N ALA A 224 0.81 19.37 27.82
CA ALA A 224 2.09 19.70 28.43
C ALA A 224 3.20 19.39 27.45
N SER A 225 2.93 18.47 26.52
CA SER A 225 3.86 18.15 25.44
C SER A 225 3.11 17.83 24.15
N PRO A 226 3.70 18.19 23.00
CA PRO A 226 3.11 17.94 21.67
C PRO A 226 3.15 16.47 21.29
N ILE A 227 2.36 16.07 20.31
CA ILE A 227 2.36 14.69 19.83
C ILE A 227 2.26 14.61 18.31
N GLN A 228 3.14 13.83 17.69
CA GLN A 228 3.22 13.78 16.24
C GLN A 228 2.41 12.66 15.64
N LEU A 229 1.55 13.03 14.71
CA LEU A 229 0.78 12.06 13.96
C LEU A 229 1.02 12.34 12.49
N GLN A 230 0.33 11.63 11.63
CA GLN A 230 0.52 11.83 10.20
C GLN A 230 -0.84 11.92 9.53
N ARG A 231 -0.85 12.45 8.31
CA ARG A 231 -2.05 12.48 7.52
C ARG A 231 -1.84 11.54 6.35
N ARG A 232 -2.85 11.40 5.51
CA ARG A 232 -2.79 10.45 4.41
C ARG A 232 -1.62 10.75 3.48
N ASN A 233 -1.30 12.03 3.37
CA ASN A 233 -0.14 12.47 2.59
C ASN A 233 1.13 11.97 3.24
N GLY A 234 0.99 11.39 4.44
CA GLY A 234 2.13 10.88 5.18
C GLY A 234 2.80 11.98 5.98
N SER A 235 2.50 13.22 5.62
CA SER A 235 3.13 14.36 6.26
C SER A 235 2.91 14.31 7.77
N LYS A 236 4.00 14.43 8.52
CA LYS A 236 3.95 14.55 9.97
C LYS A 236 3.52 15.95 10.40
N PHE A 237 3.04 16.04 11.64
CA PHE A 237 2.62 17.31 12.23
C PHE A 237 2.24 17.03 13.67
N SER A 238 2.16 18.08 14.48
CA SER A 238 1.95 17.90 15.90
C SER A 238 0.63 18.47 16.39
N VAL A 239 0.10 17.88 17.46
CA VAL A 239 -1.09 18.39 18.12
C VAL A 239 -0.73 18.94 19.51
N TYR A 240 -0.95 20.23 19.70
CA TYR A 240 -0.66 20.89 20.97
C TYR A 240 -1.90 21.00 21.86
N ASP A 241 -3.04 20.54 21.36
CA ASP A 241 -4.31 20.82 22.01
C ASP A 241 -5.36 19.74 21.78
N VAL A 242 -6.33 19.67 22.70
CA VAL A 242 -7.38 18.66 22.64
C VAL A 242 -8.41 18.96 21.56
N SER A 243 -8.48 20.23 21.18
CA SER A 243 -9.48 20.75 20.25
C SER A 243 -9.64 19.90 18.99
N ILE A 244 -8.59 19.83 18.19
CA ILE A 244 -8.62 19.11 16.92
C ILE A 244 -9.18 17.70 17.09
N LEU A 245 -8.92 17.10 18.24
CA LEU A 245 -9.17 15.68 18.44
C LEU A 245 -10.61 15.35 18.80
N ILE A 246 -11.41 16.38 19.05
CA ILE A 246 -12.78 16.16 19.48
C ILE A 246 -13.63 15.52 18.38
N PRO A 247 -13.52 16.00 17.15
CA PRO A 247 -14.17 15.33 16.01
C PRO A 247 -13.50 13.98 15.72
N ILE A 248 -12.31 13.79 16.24
CA ILE A 248 -11.53 12.57 15.97
C ILE A 248 -11.71 11.48 17.03
N ILE A 249 -11.26 11.75 18.24
CA ILE A 249 -11.26 10.75 19.30
C ILE A 249 -12.59 10.71 20.07
N ALA A 250 -13.10 9.49 20.27
CA ALA A 250 -14.38 9.27 20.91
C ALA A 250 -14.21 8.97 22.39
N LEU A 251 -13.53 7.87 22.68
CA LEU A 251 -13.30 7.42 24.05
C LEU A 251 -11.84 7.52 24.47
N MET A 252 -11.60 7.76 25.76
CA MET A 252 -10.26 7.80 26.32
C MET A 252 -10.10 6.77 27.42
N VAL A 253 -8.97 6.07 27.43
CA VAL A 253 -8.65 5.19 28.54
C VAL A 253 -8.52 6.06 29.79
N TYR A 254 -9.11 5.62 30.90
CA TYR A 254 -8.98 6.39 32.14
C TYR A 254 -7.51 6.50 32.48
N ARG A 255 -7.09 7.74 32.73
CA ARG A 255 -5.70 8.02 33.03
C ARG A 255 -5.62 8.61 34.43
N CYS A 256 -6.25 9.77 34.60
CA CYS A 256 -6.30 10.43 35.89
C CYS A 256 -7.73 10.78 36.21
N ALA A 257 -7.92 11.36 37.39
CA ALA A 257 -9.21 11.91 37.78
C ALA A 257 -9.32 13.36 37.32
N PRO A 258 -10.56 13.84 37.12
CA PRO A 258 -10.83 15.21 36.63
C PRO A 258 -10.40 16.31 37.59
N PRO A 259 -9.81 17.40 37.06
CA PRO A 259 -9.42 18.63 37.77
C PRO A 259 -10.63 19.45 38.25
N PRO A 260 -10.39 20.62 38.87
CA PRO A 260 -11.44 21.49 39.43
C PRO A 260 -12.75 21.48 38.66
N VAL B 1 12.36 -21.61 20.19
CA VAL B 1 13.02 -21.99 21.44
C VAL B 1 13.46 -23.44 21.43
N GLN B 2 14.60 -23.71 22.07
CA GLN B 2 15.15 -25.06 22.11
C GLN B 2 15.16 -25.61 23.53
N LEU B 3 14.94 -26.91 23.65
CA LEU B 3 14.81 -27.56 24.95
C LEU B 3 15.96 -28.52 25.24
N VAL B 4 16.36 -28.57 26.51
CA VAL B 4 17.35 -29.53 26.97
C VAL B 4 16.85 -30.19 28.25
N GLU B 5 16.93 -31.51 28.30
CA GLU B 5 16.44 -32.27 29.46
C GLU B 5 17.56 -32.83 30.33
N THR B 6 17.32 -32.90 31.63
CA THR B 6 18.31 -33.36 32.57
C THR B 6 17.70 -34.43 33.48
N GLY B 7 18.55 -35.13 34.21
CA GLY B 7 18.10 -36.20 35.07
C GLY B 7 17.87 -37.46 34.28
N GLY B 8 17.39 -38.50 34.95
CA GLY B 8 17.14 -39.76 34.29
C GLY B 8 18.34 -40.67 34.40
N GLY B 9 18.08 -41.97 34.51
CA GLY B 9 19.12 -42.96 34.70
C GLY B 9 18.61 -44.13 35.50
N THR B 10 19.53 -44.89 36.09
CA THR B 10 19.20 -46.07 36.87
C THR B 10 18.55 -45.72 38.21
N VAL B 11 17.38 -46.30 38.45
CA VAL B 11 16.69 -46.16 39.74
C VAL B 11 16.17 -47.54 40.16
N GLN B 12 15.83 -47.70 41.44
CA GLN B 12 15.34 -49.00 41.92
C GLN B 12 13.91 -48.86 42.40
N THR B 13 13.22 -49.99 42.48
CA THR B 13 11.79 -49.99 42.79
C THR B 13 11.47 -49.16 44.04
N GLY B 14 10.50 -48.27 43.91
CA GLY B 14 10.04 -47.43 45.02
C GLY B 14 10.86 -46.17 45.26
N GLY B 15 11.76 -45.87 44.34
CA GLY B 15 12.67 -44.74 44.48
C GLY B 15 12.17 -43.44 43.87
N SER B 16 13.03 -42.43 43.88
CA SER B 16 12.67 -41.11 43.36
C SER B 16 13.75 -40.52 42.44
N LEU B 17 13.31 -39.76 41.45
CA LEU B 17 14.20 -39.04 40.56
C LEU B 17 13.49 -37.78 40.07
N ARG B 18 14.23 -36.74 39.72
CA ARG B 18 13.61 -35.51 39.25
C ARG B 18 14.12 -35.09 37.88
N LEU B 19 13.22 -35.11 36.90
CA LEU B 19 13.54 -34.66 35.57
C LEU B 19 13.27 -33.17 35.45
N SER B 20 14.11 -32.47 34.70
CA SER B 20 13.91 -31.05 34.46
C SER B 20 14.21 -30.73 33.00
N CYS B 21 13.59 -29.67 32.50
CA CYS B 21 13.84 -29.24 31.14
C CYS B 21 14.03 -27.73 31.09
N SER B 22 15.22 -27.30 30.69
CA SER B 22 15.54 -25.88 30.60
C SER B 22 15.41 -25.37 29.18
N ALA B 23 14.63 -24.31 29.01
CA ALA B 23 14.44 -23.70 27.71
C ALA B 23 15.27 -22.43 27.62
N SER B 24 16.10 -22.35 26.60
CA SER B 24 16.86 -21.14 26.35
C SER B 24 16.22 -20.36 25.22
N GLY B 25 15.92 -19.09 25.48
CA GLY B 25 15.29 -18.23 24.49
C GLY B 25 13.85 -18.61 24.21
N GLY B 26 13.33 -18.12 23.09
CA GLY B 26 11.96 -18.39 22.69
C GLY B 26 10.93 -17.77 23.63
N SER B 27 9.71 -18.28 23.54
CA SER B 27 8.57 -17.73 24.27
C SER B 27 8.36 -18.38 25.64
N PHE B 28 9.29 -19.23 26.06
CA PHE B 28 9.10 -20.04 27.27
C PHE B 28 8.65 -19.15 28.42
N SER B 29 7.77 -19.71 29.25
CA SER B 29 7.12 -19.00 30.35
C SER B 29 5.87 -18.27 29.89
N ARG B 30 5.72 -18.11 28.58
CA ARG B 30 4.41 -17.84 28.00
C ARG B 30 3.82 -19.12 27.42
N ASN B 31 4.56 -20.21 27.54
CA ASN B 31 4.23 -21.47 26.88
C ASN B 31 3.73 -22.58 27.79
N ALA B 32 2.80 -23.37 27.28
CA ALA B 32 2.39 -24.59 27.94
C ALA B 32 3.46 -25.66 27.70
N MET B 33 3.76 -26.41 28.75
CA MET B 33 4.71 -27.49 28.64
C MET B 33 4.00 -28.79 28.94
N GLY B 34 4.55 -29.89 28.44
CA GLY B 34 4.00 -31.19 28.74
C GLY B 34 5.04 -32.28 28.65
N TRP B 35 4.81 -33.36 29.41
CA TRP B 35 5.75 -34.46 29.44
C TRP B 35 5.12 -35.71 28.84
N PHE B 36 5.87 -36.37 27.96
CA PHE B 36 5.45 -37.62 27.36
C PHE B 36 6.55 -38.67 27.50
N ARG B 37 6.17 -39.94 27.45
CA ARG B 37 7.14 -41.03 27.56
C ARG B 37 6.78 -42.18 26.64
N GLN B 38 7.78 -42.96 26.24
CA GLN B 38 7.53 -44.20 25.54
C GLN B 38 8.51 -45.30 25.93
N ALA B 39 7.99 -46.48 26.26
CA ALA B 39 8.81 -47.66 26.46
C ALA B 39 8.94 -48.35 25.11
N PRO B 40 10.02 -49.12 24.92
CA PRO B 40 10.21 -49.84 23.66
C PRO B 40 9.15 -50.93 23.46
N GLY B 41 8.54 -50.94 22.29
CA GLY B 41 7.48 -51.91 22.00
C GLY B 41 6.22 -51.62 22.79
N LYS B 42 6.19 -50.48 23.46
CA LYS B 42 5.02 -50.09 24.24
C LYS B 42 4.49 -48.78 23.70
N GLU B 43 3.22 -48.50 24.00
CA GLU B 43 2.55 -47.31 23.49
C GLU B 43 3.14 -46.01 24.04
N ARG B 44 3.08 -44.95 23.23
CA ARG B 44 3.45 -43.62 23.70
C ARG B 44 2.37 -43.14 24.66
N GLU B 45 2.79 -42.54 25.77
CA GLU B 45 1.86 -42.12 26.81
C GLU B 45 2.00 -40.65 27.17
N PHE B 46 0.86 -40.04 27.50
CA PHE B 46 0.88 -38.75 28.16
C PHE B 46 1.30 -38.95 29.61
N VAL B 47 2.12 -38.05 30.11
CA VAL B 47 2.56 -38.13 31.50
C VAL B 47 1.99 -36.98 32.32
N ALA B 48 2.37 -35.76 31.97
CA ALA B 48 1.91 -34.58 32.69
C ALA B 48 1.91 -33.36 31.79
N ALA B 49 1.11 -32.37 32.14
CA ALA B 49 1.09 -31.10 31.43
C ALA B 49 0.89 -29.94 32.40
N ILE B 50 1.47 -28.81 32.07
CA ILE B 50 1.40 -27.62 32.92
C ILE B 50 1.33 -26.41 32.01
N ASN B 51 0.56 -25.40 32.40
CA ASN B 51 0.43 -24.18 31.61
C ASN B 51 1.44 -23.09 31.99
N TRP B 52 1.25 -21.89 31.45
CA TRP B 52 2.21 -20.79 31.65
C TRP B 52 2.31 -20.38 33.12
N SER B 53 1.15 -20.21 33.75
CA SER B 53 1.07 -19.56 35.07
C SER B 53 2.04 -20.07 36.16
N ALA B 54 1.95 -21.34 36.58
CA ALA B 54 1.01 -22.32 36.06
C ALA B 54 0.06 -22.81 37.16
N SER B 55 -1.23 -22.52 36.98
CA SER B 55 -2.27 -22.86 37.95
C SER B 55 -3.02 -24.13 37.59
N SER B 56 -2.68 -24.71 36.45
CA SER B 56 -3.40 -25.87 35.93
C SER B 56 -2.42 -26.97 35.57
N THR B 57 -2.54 -28.11 36.25
CA THR B 57 -1.71 -29.26 35.97
C THR B 57 -2.59 -30.46 35.66
N TYR B 58 -2.19 -31.24 34.67
CA TYR B 58 -2.90 -32.47 34.33
C TYR B 58 -1.93 -33.64 34.39
N TYR B 59 -2.39 -34.78 34.91
CA TYR B 59 -1.55 -35.97 35.04
C TYR B 59 -2.21 -37.22 34.45
N ARG B 60 -1.40 -38.08 33.83
CA ARG B 60 -1.83 -39.39 33.39
C ARG B 60 -2.43 -40.15 34.58
N ASP B 61 -3.55 -40.82 34.37
CA ASP B 61 -4.27 -41.45 35.48
C ASP B 61 -3.38 -42.32 36.36
N SER B 62 -2.55 -43.16 35.73
CA SER B 62 -1.68 -44.06 36.48
C SER B 62 -0.69 -43.33 37.40
N VAL B 63 -0.28 -42.12 37.01
CA VAL B 63 0.68 -41.35 37.80
C VAL B 63 0.06 -40.29 38.72
N LYS B 64 -1.27 -40.15 38.69
CA LYS B 64 -1.94 -39.16 39.52
C LYS B 64 -1.54 -39.32 40.99
N GLY B 65 -1.12 -38.23 41.60
CA GLY B 65 -0.74 -38.26 43.01
C GLY B 65 0.61 -38.90 43.27
N ARG B 66 1.33 -39.25 42.21
CA ARG B 66 2.69 -39.77 42.32
C ARG B 66 3.68 -38.78 41.71
N PHE B 67 3.53 -38.52 40.41
CA PHE B 67 4.34 -37.50 39.76
C PHE B 67 3.73 -36.12 39.98
N THR B 68 4.60 -35.12 40.10
CA THR B 68 4.19 -33.73 40.12
C THR B 68 5.02 -32.95 39.11
N VAL B 69 4.34 -32.14 38.30
CA VAL B 69 5.03 -31.32 37.32
C VAL B 69 5.11 -29.88 37.82
N SER B 70 6.29 -29.29 37.71
CA SER B 70 6.54 -27.93 38.18
C SER B 70 7.27 -27.13 37.10
N ARG B 71 7.31 -25.83 37.26
CA ARG B 71 8.05 -24.98 36.34
C ARG B 71 8.57 -23.74 37.04
N ASP B 72 9.74 -23.26 36.63
CA ASP B 72 10.22 -21.94 37.04
C ASP B 72 10.50 -21.08 35.81
N ASN B 73 9.65 -20.07 35.60
CA ASN B 73 9.74 -19.22 34.42
C ASN B 73 10.89 -18.24 34.55
N ALA B 74 11.34 -18.06 35.79
CA ALA B 74 12.48 -17.21 36.10
C ALA B 74 13.76 -17.96 35.76
N LYS B 75 13.76 -19.27 36.03
CA LYS B 75 14.89 -20.13 35.71
C LYS B 75 14.73 -20.76 34.32
N ASN B 76 13.57 -20.54 33.70
CA ASN B 76 13.27 -21.06 32.36
C ASN B 76 13.35 -22.57 32.27
N THR B 77 13.00 -23.27 33.34
CA THR B 77 13.00 -24.72 33.32
C THR B 77 11.66 -25.26 33.81
N VAL B 78 11.25 -26.39 33.27
CA VAL B 78 10.04 -27.07 33.74
C VAL B 78 10.48 -28.35 34.42
N TYR B 79 9.82 -28.70 35.53
CA TYR B 79 10.24 -29.85 36.30
C TYR B 79 9.23 -30.98 36.28
N LEU B 80 9.74 -32.21 36.20
CA LEU B 80 8.91 -33.38 36.42
C LEU B 80 9.50 -34.14 37.60
N HIS B 81 8.79 -34.14 38.72
CA HIS B 81 9.26 -34.81 39.91
C HIS B 81 8.64 -36.20 39.95
N LEU B 82 9.48 -37.23 39.83
CA LEU B 82 9.00 -38.62 39.81
C LEU B 82 9.23 -39.30 41.16
N ASN B 83 8.18 -39.52 41.91
CA ASN B 83 8.32 -40.24 43.18
C ASN B 83 7.77 -41.65 43.07
N SER B 84 7.97 -42.45 44.11
CA SER B 84 7.41 -43.81 44.20
C SER B 84 7.41 -44.53 42.86
N LEU B 85 8.58 -44.82 42.32
CA LEU B 85 8.68 -45.34 40.97
C LEU B 85 8.37 -46.83 40.86
N LYS B 86 7.32 -47.15 40.12
CA LYS B 86 6.97 -48.50 39.73
C LYS B 86 7.80 -48.94 38.52
N LEU B 87 7.95 -50.24 38.34
CA LEU B 87 8.62 -50.76 37.14
C LEU B 87 7.93 -50.24 35.89
N GLU B 88 6.63 -49.99 35.99
CA GLU B 88 5.81 -49.53 34.87
C GLU B 88 6.40 -48.29 34.20
N ASP B 89 7.14 -47.50 34.97
CA ASP B 89 7.56 -46.18 34.55
C ASP B 89 8.89 -46.13 33.82
N THR B 90 9.47 -47.30 33.53
CA THR B 90 10.70 -47.36 32.77
C THR B 90 10.42 -46.91 31.34
N ALA B 91 11.14 -45.88 30.90
CA ALA B 91 10.94 -45.31 29.57
C ALA B 91 11.80 -44.07 29.34
N ALA B 92 11.85 -43.62 28.08
CA ALA B 92 12.47 -42.35 27.76
C ALA B 92 11.43 -41.24 27.86
N TYR B 93 11.74 -40.22 28.65
CA TYR B 93 10.79 -39.14 28.94
C TYR B 93 11.09 -37.90 28.13
N TYR B 94 10.09 -37.42 27.40
CA TYR B 94 10.25 -36.25 26.56
C TYR B 94 9.45 -35.07 27.06
N CYS B 95 10.05 -33.89 26.99
CA CYS B 95 9.36 -32.66 27.34
C CYS B 95 9.08 -31.83 26.10
N ALA B 96 7.85 -31.34 25.99
CA ALA B 96 7.45 -30.55 24.82
C ALA B 96 6.64 -29.33 25.21
N GLY B 97 7.02 -28.19 24.67
CA GLY B 97 6.23 -26.99 24.86
C GLY B 97 5.43 -26.66 23.61
N SER B 98 4.49 -25.74 23.76
CA SER B 98 3.77 -25.17 22.63
C SER B 98 3.99 -23.67 22.64
N SER B 99 4.52 -23.13 21.55
CA SER B 99 4.76 -21.70 21.44
C SER B 99 3.49 -20.95 21.07
N VAL B 100 2.48 -21.69 20.64
CA VAL B 100 1.19 -21.12 20.26
C VAL B 100 0.28 -20.83 21.46
N TYR B 101 0.20 -21.77 22.39
CA TYR B 101 -0.72 -21.67 23.52
C TYR B 101 0.00 -21.65 24.87
N ALA B 102 -0.43 -20.76 25.75
CA ALA B 102 0.04 -20.76 27.13
C ALA B 102 -0.78 -21.76 27.91
N GLU B 103 -1.95 -22.10 27.38
CA GLU B 103 -2.82 -23.07 28.02
C GLU B 103 -3.67 -23.83 27.02
N MET B 104 -3.97 -25.09 27.34
CA MET B 104 -4.78 -25.92 26.46
C MET B 104 -5.81 -26.72 27.26
N PRO B 105 -6.94 -27.07 26.62
CA PRO B 105 -8.13 -27.74 27.16
C PRO B 105 -7.91 -29.12 27.78
N TYR B 106 -6.74 -29.71 27.56
CA TYR B 106 -6.39 -31.05 28.04
C TYR B 106 -6.83 -32.17 27.12
N ALA B 107 -7.73 -31.87 26.21
CA ALA B 107 -8.03 -32.82 25.14
C ALA B 107 -6.83 -32.69 24.22
N ASP B 108 -6.44 -31.44 24.01
CA ASP B 108 -5.24 -31.10 23.24
C ASP B 108 -3.97 -31.29 24.06
N SER B 109 -4.07 -31.09 25.37
CA SER B 109 -2.90 -31.21 26.25
C SER B 109 -2.41 -32.64 26.38
N VAL B 110 -3.33 -33.59 26.22
CA VAL B 110 -3.02 -35.02 26.32
C VAL B 110 -2.37 -35.59 25.05
N LYS B 111 -2.60 -34.92 23.93
CA LYS B 111 -2.04 -35.36 22.65
C LYS B 111 -0.71 -34.67 22.36
N ALA B 112 0.22 -35.41 21.76
CA ALA B 112 1.52 -34.87 21.39
C ALA B 112 1.42 -34.01 20.13
N THR B 113 0.26 -34.05 19.50
CA THR B 113 0.00 -33.31 18.27
C THR B 113 -0.04 -31.81 18.52
N SER B 114 -0.41 -31.43 19.74
CA SER B 114 -0.67 -30.04 20.09
C SER B 114 0.59 -29.25 20.45
N TYR B 115 1.70 -29.96 20.59
CA TYR B 115 2.97 -29.37 20.99
C TYR B 115 3.94 -29.29 19.80
N ASN B 116 4.49 -28.10 19.57
CA ASN B 116 5.35 -27.89 18.41
C ASN B 116 6.86 -27.92 18.63
N TYR B 117 7.33 -28.08 19.85
CA TYR B 117 8.78 -28.23 20.08
C TYR B 117 9.17 -29.12 21.27
N TRP B 118 10.30 -29.81 21.13
CA TRP B 118 10.66 -30.89 22.04
C TRP B 118 12.08 -30.82 22.57
N GLY B 119 12.36 -31.64 23.58
CA GLY B 119 13.70 -31.83 24.09
C GLY B 119 14.32 -33.07 23.46
N GLN B 120 15.42 -33.55 24.03
CA GLN B 120 16.13 -34.72 23.46
C GLN B 120 15.83 -36.09 24.10
N GLY B 121 14.92 -36.15 25.07
CA GLY B 121 14.55 -37.43 25.66
C GLY B 121 15.51 -38.19 26.56
N THR B 122 15.89 -37.58 27.69
CA THR B 122 16.68 -38.27 28.71
C THR B 122 16.05 -39.60 29.13
N GLN B 123 16.89 -40.63 29.29
CA GLN B 123 16.42 -41.99 29.57
C GLN B 123 16.18 -42.25 31.06
N VAL B 124 15.11 -42.99 31.36
CA VAL B 124 14.80 -43.38 32.74
C VAL B 124 14.50 -44.87 32.87
N THR B 125 15.25 -45.56 33.73
CA THR B 125 15.05 -46.99 33.95
C THR B 125 14.85 -47.29 35.44
N VAL B 126 13.92 -48.21 35.74
CA VAL B 126 13.60 -48.55 37.13
C VAL B 126 13.87 -50.03 37.44
N SER B 127 14.91 -50.28 38.24
CA SER B 127 15.36 -51.64 38.59
C SER B 127 14.63 -52.32 39.76
N SER B 128 14.65 -53.65 39.75
CA SER B 128 14.19 -54.48 40.86
C SER B 128 14.11 -55.94 40.42
N LYS C 1 -10.94 11.89 -43.19
CA LYS C 1 -11.17 12.12 -41.77
C LYS C 1 -9.89 11.91 -40.95
N GLN C 2 -9.95 12.26 -39.66
CA GLN C 2 -8.79 12.13 -38.78
C GLN C 2 -8.69 10.73 -38.17
N TYR C 3 -7.78 10.57 -37.21
CA TYR C 3 -7.61 9.29 -36.53
C TYR C 3 -8.92 8.83 -35.84
N PRO C 4 -9.13 7.51 -35.75
CA PRO C 4 -10.34 6.95 -35.13
C PRO C 4 -10.55 7.46 -33.70
N ILE C 5 -11.80 7.53 -33.27
CA ILE C 5 -12.10 7.98 -31.91
C ILE C 5 -12.95 6.96 -31.19
N ILE C 6 -12.40 6.39 -30.13
CA ILE C 6 -13.16 5.51 -29.27
C ILE C 6 -13.63 6.32 -28.08
N ASN C 7 -14.94 6.43 -27.92
CA ASN C 7 -15.52 7.31 -26.92
C ASN C 7 -15.87 6.57 -25.64
N PHE C 8 -15.59 7.20 -24.50
CA PHE C 8 -15.93 6.61 -23.21
C PHE C 8 -16.18 7.68 -22.15
N THR C 9 -17.05 7.37 -21.20
CA THR C 9 -17.40 8.30 -20.13
C THR C 9 -17.48 7.63 -18.77
N THR C 10 -17.13 8.37 -17.72
CA THR C 10 -17.24 7.86 -16.35
C THR C 10 -18.60 8.18 -15.73
N ALA C 11 -19.49 8.75 -16.53
CA ALA C 11 -20.86 9.05 -16.08
C ALA C 11 -21.69 7.77 -16.04
N GLY C 12 -22.00 7.22 -17.21
CA GLY C 12 -22.64 5.91 -17.22
C GLY C 12 -21.63 4.93 -16.67
N ALA C 13 -22.00 4.27 -15.59
CA ALA C 13 -21.04 3.50 -14.81
C ALA C 13 -21.03 2.03 -15.22
N THR C 14 -21.82 1.71 -16.24
CA THR C 14 -22.05 0.32 -16.58
C THR C 14 -20.72 -0.39 -16.76
N VAL C 15 -20.55 -1.49 -16.03
CA VAL C 15 -19.29 -2.22 -16.03
C VAL C 15 -19.16 -3.05 -17.29
N GLN C 16 -20.26 -3.12 -18.05
CA GLN C 16 -20.22 -3.71 -19.39
C GLN C 16 -19.58 -2.70 -20.34
N SER C 17 -20.19 -1.52 -20.48
CA SER C 17 -19.73 -0.50 -21.40
C SER C 17 -18.23 -0.26 -21.30
N TYR C 18 -17.68 -0.39 -20.09
CA TYR C 18 -16.23 -0.33 -19.92
C TYR C 18 -15.56 -1.36 -20.82
N THR C 19 -16.08 -2.59 -20.75
CA THR C 19 -15.54 -3.70 -21.53
C THR C 19 -15.71 -3.45 -23.02
N ASN C 20 -16.92 -3.08 -23.42
CA ASN C 20 -17.19 -2.76 -24.82
C ASN C 20 -16.23 -1.71 -25.32
N PHE C 21 -15.77 -0.87 -24.40
CA PHE C 21 -14.82 0.18 -24.70
C PHE C 21 -13.40 -0.34 -24.92
N ILE C 22 -12.91 -1.16 -23.99
CA ILE C 22 -11.57 -1.73 -24.10
C ILE C 22 -11.49 -2.62 -25.32
N ARG C 23 -12.63 -3.20 -25.70
CA ARG C 23 -12.69 -4.02 -26.89
C ARG C 23 -12.80 -3.18 -28.15
N ALA C 24 -13.37 -1.98 -28.01
CA ALA C 24 -13.38 -1.04 -29.11
C ALA C 24 -11.95 -0.61 -29.37
N VAL C 25 -11.21 -0.34 -28.30
CA VAL C 25 -9.82 0.09 -28.41
C VAL C 25 -8.96 -0.97 -29.07
N ARG C 26 -8.96 -2.17 -28.51
CA ARG C 26 -8.21 -3.28 -29.07
C ARG C 26 -8.58 -3.52 -30.55
N GLY C 27 -9.85 -3.27 -30.89
CA GLY C 27 -10.30 -3.46 -32.26
C GLY C 27 -9.66 -2.49 -33.23
N ARG C 28 -9.42 -1.27 -32.75
CA ARG C 28 -8.70 -0.25 -33.52
C ARG C 28 -7.17 -0.41 -33.48
N LEU C 29 -6.65 -0.90 -32.36
CA LEU C 29 -5.21 -1.07 -32.19
C LEU C 29 -4.59 -2.05 -33.20
N THR C 30 -5.29 -3.15 -33.44
CA THR C 30 -4.87 -4.05 -34.50
C THR C 30 -6.08 -4.51 -35.30
N THR C 31 -5.82 -5.24 -36.36
CA THR C 31 -6.86 -5.85 -37.15
C THR C 31 -7.02 -7.32 -36.76
N GLY C 32 -6.19 -7.77 -35.84
CA GLY C 32 -5.98 -9.19 -35.66
C GLY C 32 -5.22 -9.65 -36.90
N ALA C 33 -5.53 -10.85 -37.38
CA ALA C 33 -4.97 -11.36 -38.62
C ALA C 33 -3.48 -11.66 -38.48
N ASP C 34 -2.89 -11.13 -37.41
CA ASP C 34 -1.59 -11.60 -36.97
C ASP C 34 -1.78 -11.94 -35.52
N VAL C 35 -1.70 -13.22 -35.22
CA VAL C 35 -1.89 -13.72 -33.88
C VAL C 35 -0.87 -14.80 -33.65
N ARG C 36 -0.13 -14.68 -32.56
CA ARG C 36 0.83 -15.71 -32.20
C ARG C 36 0.27 -16.47 -31.01
N HIS C 37 -0.10 -17.72 -31.24
CA HIS C 37 -0.73 -18.54 -30.21
C HIS C 37 -1.98 -17.85 -29.64
N GLU C 38 -2.84 -17.40 -30.54
CA GLU C 38 -4.12 -16.80 -30.15
C GLU C 38 -3.98 -15.39 -29.59
N ILE C 39 -2.75 -14.93 -29.43
CA ILE C 39 -2.50 -13.57 -28.98
C ILE C 39 -2.16 -12.68 -30.16
N PRO C 40 -3.01 -11.69 -30.45
CA PRO C 40 -2.80 -10.75 -31.55
C PRO C 40 -1.56 -9.91 -31.35
N VAL C 41 -0.83 -9.68 -32.44
CA VAL C 41 0.33 -8.81 -32.39
C VAL C 41 -0.05 -7.46 -32.98
N LEU C 42 0.37 -6.39 -32.31
CA LEU C 42 0.15 -5.04 -32.81
C LEU C 42 0.87 -4.84 -34.15
N PRO C 43 0.39 -3.89 -34.97
CA PRO C 43 0.99 -3.67 -36.28
C PRO C 43 2.47 -3.28 -36.18
N ASN C 44 3.26 -3.78 -37.12
CA ASN C 44 4.68 -3.49 -37.18
C ASN C 44 4.87 -2.00 -37.45
N ARG C 45 5.68 -1.36 -36.63
CA ARG C 45 5.92 0.07 -36.76
C ARG C 45 6.64 0.43 -38.06
N VAL C 46 7.28 -0.57 -38.66
CA VAL C 46 8.08 -0.35 -39.86
C VAL C 46 7.22 -0.48 -41.11
N GLY C 47 7.09 0.63 -41.84
CA GLY C 47 6.25 0.67 -43.02
C GLY C 47 4.86 1.20 -42.75
N LEU C 48 4.52 1.32 -41.47
CA LEU C 48 3.21 1.81 -41.07
C LEU C 48 3.05 3.32 -41.36
N PRO C 49 2.05 3.68 -42.18
CA PRO C 49 1.69 5.05 -42.54
C PRO C 49 1.23 5.86 -41.33
N ILE C 50 1.65 7.12 -41.23
CA ILE C 50 1.29 7.94 -40.07
C ILE C 50 -0.20 8.11 -39.93
N ASN C 51 -0.90 8.13 -41.06
CA ASN C 51 -2.35 8.29 -41.02
C ASN C 51 -2.97 7.06 -40.39
N GLN C 52 -2.22 5.96 -40.39
CA GLN C 52 -2.60 4.74 -39.68
C GLN C 52 -1.93 4.51 -38.32
N ARG C 53 -1.08 5.43 -37.87
CA ARG C 53 -0.24 5.16 -36.71
C ARG C 53 -0.80 5.56 -35.33
N PHE C 54 -1.91 6.27 -35.30
CA PHE C 54 -2.46 6.70 -34.02
C PHE C 54 -3.94 6.41 -33.83
N ILE C 55 -4.33 6.41 -32.56
CA ILE C 55 -5.71 6.18 -32.15
C ILE C 55 -6.09 7.27 -31.17
N LEU C 56 -7.33 7.72 -31.22
CA LEU C 56 -7.79 8.74 -30.28
C LEU C 56 -8.81 8.17 -29.30
N VAL C 57 -8.50 8.27 -28.01
CA VAL C 57 -9.43 7.89 -26.97
C VAL C 57 -9.94 9.13 -26.25
N GLU C 58 -11.22 9.44 -26.46
CA GLU C 58 -11.85 10.59 -25.80
C GLU C 58 -12.46 10.16 -24.46
N LEU C 59 -12.29 11.00 -23.45
CA LEU C 59 -12.71 10.65 -22.09
C LEU C 59 -13.54 11.73 -21.41
N SER C 60 -14.75 11.39 -20.99
CA SER C 60 -15.67 12.34 -20.37
C SER C 60 -15.79 12.15 -18.85
N ASN C 61 -16.02 13.25 -18.15
CA ASN C 61 -16.20 13.22 -16.69
C ASN C 61 -17.68 13.28 -16.29
N HIS C 62 -17.94 13.25 -14.99
CA HIS C 62 -19.28 13.53 -14.47
C HIS C 62 -19.44 15.03 -14.26
N ALA C 63 -18.32 15.74 -14.34
CA ALA C 63 -18.31 17.20 -14.38
C ALA C 63 -18.34 17.62 -15.84
N GLU C 64 -18.43 16.62 -16.72
CA GLU C 64 -18.51 16.84 -18.17
C GLU C 64 -17.29 17.56 -18.73
N LEU C 65 -16.10 17.06 -18.37
CA LEU C 65 -14.84 17.57 -18.91
C LEU C 65 -14.25 16.59 -19.92
N SER C 66 -14.09 17.04 -21.17
CA SER C 66 -13.59 16.17 -22.22
C SER C 66 -12.11 16.38 -22.55
N VAL C 67 -11.39 15.27 -22.60
CA VAL C 67 -9.96 15.26 -22.90
C VAL C 67 -9.66 14.12 -23.87
N THR C 68 -9.08 14.45 -25.02
CA THR C 68 -8.76 13.45 -26.04
C THR C 68 -7.33 12.93 -25.90
N LEU C 69 -7.17 11.61 -25.92
CA LEU C 69 -5.87 10.96 -25.77
C LEU C 69 -5.39 10.29 -27.03
N ALA C 70 -4.09 10.38 -27.28
CA ALA C 70 -3.49 9.76 -28.46
C ALA C 70 -2.60 8.59 -28.09
N LEU C 71 -2.87 7.43 -28.71
CA LEU C 71 -2.06 6.24 -28.47
C LEU C 71 -1.32 5.83 -29.73
N ASP C 72 -0.14 5.26 -29.55
CA ASP C 72 0.62 4.70 -30.67
C ASP C 72 0.14 3.26 -30.89
N VAL C 73 -0.38 2.98 -32.08
CA VAL C 73 -0.97 1.67 -32.38
C VAL C 73 0.08 0.56 -32.44
N THR C 74 1.36 0.94 -32.49
CA THR C 74 2.43 -0.04 -32.42
C THR C 74 2.67 -0.55 -31.00
N ASN C 75 2.82 0.36 -30.04
CA ASN C 75 2.90 -0.01 -28.62
C ASN C 75 1.64 0.15 -27.75
N ALA C 76 0.57 0.71 -28.31
CA ALA C 76 -0.65 1.00 -27.55
C ALA C 76 -0.42 1.94 -26.36
N TYR C 77 0.64 2.75 -26.43
CA TYR C 77 1.01 3.61 -25.32
C TYR C 77 0.62 5.05 -25.63
N VAL C 78 0.30 5.82 -24.60
CA VAL C 78 -0.14 7.19 -24.79
C VAL C 78 1.02 8.12 -25.14
N VAL C 79 0.91 8.79 -26.28
CA VAL C 79 1.93 9.71 -26.74
C VAL C 79 1.69 11.17 -26.35
N GLY C 80 0.49 11.45 -25.83
CA GLY C 80 0.10 12.82 -25.53
C GLY C 80 -1.41 13.00 -25.50
N TYR C 81 -1.87 14.21 -25.17
CA TYR C 81 -3.31 14.46 -25.09
C TYR C 81 -3.74 15.85 -25.56
N ARG C 82 -5.06 16.09 -25.55
CA ARG C 82 -5.61 17.37 -25.94
C ARG C 82 -6.71 17.76 -24.95
N ALA C 83 -6.58 18.95 -24.34
CA ALA C 83 -7.63 19.49 -23.49
C ALA C 83 -7.89 20.93 -23.88
N GLY C 84 -9.11 21.20 -24.34
CA GLY C 84 -9.43 22.50 -24.89
C GLY C 84 -8.70 22.71 -26.20
N ASN C 85 -8.09 23.89 -26.34
CA ASN C 85 -7.30 24.22 -27.52
C ASN C 85 -5.79 23.96 -27.36
N SER C 86 -5.40 23.39 -26.22
CA SER C 86 -3.99 23.10 -25.95
C SER C 86 -3.67 21.60 -26.03
N ALA C 87 -2.53 21.25 -26.64
CA ALA C 87 -2.15 19.84 -26.78
C ALA C 87 -0.74 19.57 -26.24
N TYR C 88 -0.63 18.53 -25.43
CA TYR C 88 0.62 18.22 -24.72
C TYR C 88 1.17 16.86 -25.11
N PHE C 89 2.42 16.82 -25.56
CA PHE C 89 3.05 15.56 -25.99
C PHE C 89 4.22 15.15 -25.11
N PHE C 90 4.38 13.84 -24.93
CA PHE C 90 5.53 13.28 -24.24
C PHE C 90 6.76 13.47 -25.10
N HIS C 91 7.94 13.44 -24.47
CA HIS C 91 9.17 13.58 -25.22
C HIS C 91 9.39 12.37 -26.14
N PRO C 92 9.50 12.63 -27.46
CA PRO C 92 9.72 11.68 -28.55
C PRO C 92 11.17 11.21 -28.62
N ASP C 93 11.51 10.18 -27.85
CA ASP C 93 12.91 9.85 -27.59
C ASP C 93 13.77 9.57 -28.83
N ASN C 94 13.14 9.41 -29.99
CA ASN C 94 13.91 9.37 -31.24
C ASN C 94 13.40 10.31 -32.34
N GLN C 95 14.25 10.55 -33.33
CA GLN C 95 13.97 11.49 -34.41
C GLN C 95 12.69 11.15 -35.16
N GLU C 96 12.57 9.91 -35.59
CA GLU C 96 11.46 9.48 -36.44
C GLU C 96 10.11 9.66 -35.75
N ASP C 97 10.11 9.45 -34.43
CA ASP C 97 8.89 9.61 -33.62
C ASP C 97 8.50 11.07 -33.50
N ALA C 98 9.50 11.92 -33.27
CA ALA C 98 9.26 13.35 -33.20
C ALA C 98 8.45 13.81 -34.40
N GLU C 99 8.87 13.39 -35.59
CA GLU C 99 8.18 13.76 -36.82
C GLU C 99 6.73 13.32 -36.80
N ALA C 100 6.49 12.10 -36.31
CA ALA C 100 5.17 11.48 -36.43
C ALA C 100 4.09 12.13 -35.55
N ILE C 101 4.48 12.54 -34.35
CA ILE C 101 3.52 13.08 -33.40
C ILE C 101 3.00 14.46 -33.79
N THR C 102 3.64 15.07 -34.78
CA THR C 102 3.20 16.36 -35.28
C THR C 102 1.96 16.21 -36.15
N HIS C 103 1.60 14.97 -36.45
CA HIS C 103 0.39 14.70 -37.23
C HIS C 103 -0.82 14.63 -36.31
N LEU C 104 -0.55 14.76 -35.02
CA LEU C 104 -1.59 14.70 -33.99
C LEU C 104 -2.08 16.08 -33.64
N PHE C 105 -3.40 16.24 -33.61
CA PHE C 105 -4.01 17.49 -33.19
C PHE C 105 -3.43 18.67 -33.94
N THR C 106 -3.28 18.52 -35.25
CA THR C 106 -2.71 19.58 -36.07
C THR C 106 -3.52 20.87 -35.95
N ASP C 107 -4.81 20.73 -35.71
CA ASP C 107 -5.71 21.89 -35.66
C ASP C 107 -5.83 22.47 -34.25
N VAL C 108 -5.06 21.91 -33.31
CA VAL C 108 -5.00 22.44 -31.96
C VAL C 108 -4.21 23.74 -32.00
N GLN C 109 -4.38 24.58 -30.99
CA GLN C 109 -3.74 25.89 -30.98
C GLN C 109 -2.34 25.88 -30.35
N ASN C 110 -2.29 25.57 -29.06
CA ASN C 110 -1.01 25.55 -28.36
C ASN C 110 -0.46 24.14 -28.18
N ARG C 111 0.63 23.84 -28.89
CA ARG C 111 1.24 22.53 -28.84
C ARG C 111 2.47 22.53 -27.94
N TYR C 112 2.39 21.75 -26.86
CA TYR C 112 3.50 21.59 -25.95
C TYR C 112 4.13 20.21 -26.08
N THR C 113 5.44 20.16 -25.85
CA THR C 113 6.14 18.89 -25.75
C THR C 113 6.93 18.89 -24.45
N PHE C 114 6.63 17.93 -23.57
CA PHE C 114 7.30 17.86 -22.28
C PHE C 114 8.78 17.49 -22.45
N ALA C 115 9.58 17.81 -21.44
CA ALA C 115 10.99 17.44 -21.46
C ALA C 115 11.16 16.01 -21.01
N PHE C 116 10.05 15.41 -20.59
CA PHE C 116 10.08 14.04 -20.06
C PHE C 116 9.22 13.08 -20.89
N GLY C 117 9.56 11.80 -20.81
CA GLY C 117 8.80 10.77 -21.49
C GLY C 117 7.62 10.30 -20.67
N GLY C 118 6.87 9.34 -21.21
CA GLY C 118 5.68 8.85 -20.52
C GLY C 118 5.89 7.56 -19.74
N ASN C 119 7.14 7.14 -19.59
CA ASN C 119 7.42 5.90 -18.87
C ASN C 119 7.23 6.05 -17.36
N TYR C 120 6.80 4.95 -16.74
CA TYR C 120 6.45 4.92 -15.33
C TYR C 120 7.48 5.54 -14.40
N ASP C 121 8.68 4.96 -14.38
CA ASP C 121 9.69 5.36 -13.41
C ASP C 121 9.89 6.88 -13.45
N ARG C 122 9.62 7.48 -14.61
CA ARG C 122 9.71 8.94 -14.74
C ARG C 122 8.56 9.70 -14.09
N LEU C 123 7.33 9.25 -14.37
CA LEU C 123 6.15 9.88 -13.81
C LEU C 123 6.03 9.54 -12.33
N GLU C 124 6.58 8.41 -11.94
CA GLU C 124 6.56 7.98 -10.55
C GLU C 124 7.31 8.97 -9.68
N GLN C 125 8.08 9.85 -10.31
CA GLN C 125 8.77 10.90 -9.59
C GLN C 125 7.85 12.09 -9.41
N LEU C 126 7.54 12.75 -10.52
CA LEU C 126 6.77 13.97 -10.52
C LEU C 126 5.51 13.81 -9.67
N ALA C 127 4.88 12.65 -9.79
CA ALA C 127 3.70 12.33 -8.98
C ALA C 127 4.06 12.35 -7.49
N GLY C 128 5.31 12.02 -7.20
CA GLY C 128 5.83 12.04 -5.85
C GLY C 128 5.56 10.72 -5.15
N ASN C 129 4.56 10.02 -5.66
CA ASN C 129 4.19 8.70 -5.18
C ASN C 129 4.69 7.67 -6.19
N LEU C 130 4.35 6.40 -5.96
CA LEU C 130 4.71 5.34 -6.89
C LEU C 130 3.46 4.61 -7.35
N ARG C 131 3.56 3.86 -8.43
CA ARG C 131 2.45 3.05 -8.90
C ARG C 131 1.86 2.24 -7.73
N GLU C 132 2.75 1.64 -6.95
CA GLU C 132 2.35 0.83 -5.79
C GLU C 132 1.44 1.61 -4.85
N ASN C 133 1.79 2.87 -4.61
CA ASN C 133 1.03 3.70 -3.69
C ASN C 133 -0.09 4.53 -4.34
N ILE C 134 -0.15 4.52 -5.67
CA ILE C 134 -1.15 5.34 -6.37
C ILE C 134 -2.48 4.63 -6.64
N GLU C 135 -3.56 5.29 -6.27
CA GLU C 135 -4.90 4.74 -6.35
C GLU C 135 -5.46 4.69 -7.77
N LEU C 136 -6.16 3.61 -8.10
CA LEU C 136 -6.80 3.44 -9.40
C LEU C 136 -8.27 3.00 -9.26
N GLY C 137 -8.91 2.71 -10.39
CA GLY C 137 -10.34 2.43 -10.43
C GLY C 137 -11.09 3.60 -11.03
N ASN C 138 -12.42 3.50 -11.11
CA ASN C 138 -13.24 4.55 -11.71
C ASN C 138 -13.17 5.87 -10.93
N GLY C 139 -12.76 5.79 -9.67
CA GLY C 139 -12.63 6.98 -8.85
C GLY C 139 -11.54 7.91 -9.33
N PRO C 140 -10.30 7.40 -9.41
CA PRO C 140 -9.18 8.23 -9.86
C PRO C 140 -9.32 8.65 -11.32
N LEU C 141 -10.18 7.95 -12.06
CA LEU C 141 -10.32 8.22 -13.48
C LEU C 141 -11.16 9.46 -13.75
N GLU C 142 -12.04 9.80 -12.81
CA GLU C 142 -12.78 11.03 -12.94
C GLU C 142 -11.86 12.20 -12.63
N GLU C 143 -11.05 12.05 -11.59
CA GLU C 143 -10.13 13.11 -11.17
C GLU C 143 -8.88 13.21 -12.06
N ALA C 144 -8.52 12.11 -12.71
CA ALA C 144 -7.38 12.12 -13.61
C ALA C 144 -7.68 13.02 -14.80
N ILE C 145 -8.96 13.09 -15.15
CA ILE C 145 -9.43 13.93 -16.26
C ILE C 145 -9.50 15.41 -15.88
N SER C 146 -10.10 15.69 -14.72
CA SER C 146 -10.25 17.05 -14.23
C SER C 146 -8.87 17.67 -14.00
N ALA C 147 -7.86 16.82 -13.90
CA ALA C 147 -6.48 17.27 -13.81
C ALA C 147 -6.03 17.70 -15.19
N LEU C 148 -6.02 16.75 -16.12
CA LEU C 148 -5.61 17.03 -17.48
C LEU C 148 -6.35 18.23 -18.09
N TYR C 149 -7.68 18.21 -18.06
CA TYR C 149 -8.45 19.31 -18.64
C TYR C 149 -8.04 20.65 -18.03
N TYR C 150 -7.78 20.63 -16.73
CA TYR C 150 -7.46 21.86 -16.01
C TYR C 150 -5.96 22.16 -16.01
N TYR C 151 -5.16 21.35 -16.70
CA TYR C 151 -3.74 21.62 -16.80
C TYR C 151 -3.48 22.77 -17.77
N SER C 152 -4.22 22.76 -18.88
CA SER C 152 -4.12 23.83 -19.87
C SER C 152 -4.35 25.18 -19.21
N THR C 153 -5.19 25.20 -18.17
CA THR C 153 -5.52 26.44 -17.47
C THR C 153 -4.57 26.71 -16.31
N GLY C 154 -3.57 25.85 -16.15
CA GLY C 154 -2.62 26.01 -15.06
C GLY C 154 -3.28 25.84 -13.71
N GLY C 155 -4.42 25.14 -13.68
CA GLY C 155 -5.14 24.89 -12.45
C GLY C 155 -4.79 23.54 -11.84
N THR C 156 -3.88 22.81 -12.47
CA THR C 156 -3.42 21.54 -11.93
C THR C 156 -1.90 21.50 -11.84
N GLN C 157 -1.40 21.17 -10.67
CA GLN C 157 0.03 21.06 -10.43
C GLN C 157 0.59 19.92 -11.27
N LEU C 158 1.87 20.00 -11.57
CA LEU C 158 2.55 18.94 -12.30
C LEU C 158 2.60 17.63 -11.51
N PRO C 159 2.83 17.70 -10.19
CA PRO C 159 2.88 16.44 -9.45
C PRO C 159 1.58 15.67 -9.59
N THR C 160 0.46 16.37 -9.43
CA THR C 160 -0.84 15.73 -9.56
C THR C 160 -1.13 15.46 -11.04
N LEU C 161 -0.38 16.11 -11.92
CA LEU C 161 -0.54 15.92 -13.36
C LEU C 161 0.12 14.64 -13.83
N ALA C 162 1.31 14.36 -13.30
CA ALA C 162 2.01 13.12 -13.63
C ALA C 162 1.31 11.99 -12.90
N ARG C 163 0.81 12.30 -11.71
CA ARG C 163 -0.01 11.37 -10.95
C ARG C 163 -1.23 10.98 -11.78
N SER C 164 -1.84 11.98 -12.41
CA SER C 164 -3.02 11.77 -13.25
C SER C 164 -2.66 11.01 -14.52
N PHE C 165 -1.39 11.11 -14.94
CA PHE C 165 -0.91 10.34 -16.08
C PHE C 165 -0.86 8.87 -15.73
N ILE C 166 -0.26 8.57 -14.57
CA ILE C 166 -0.05 7.20 -14.15
C ILE C 166 -1.35 6.43 -14.03
N ILE C 167 -2.42 7.13 -13.66
CA ILE C 167 -3.74 6.52 -13.54
C ILE C 167 -4.32 6.17 -14.91
N CYS C 168 -4.29 7.14 -15.82
CA CYS C 168 -4.81 6.96 -17.17
C CYS C 168 -4.18 5.78 -17.90
N ILE C 169 -2.87 5.85 -18.12
CA ILE C 169 -2.15 4.83 -18.88
C ILE C 169 -2.55 3.42 -18.44
N GLN C 170 -2.29 3.09 -17.18
CA GLN C 170 -2.64 1.79 -16.65
C GLN C 170 -4.08 1.40 -16.95
N MET C 171 -5.00 2.35 -16.80
CA MET C 171 -6.42 2.06 -16.94
C MET C 171 -6.89 2.01 -18.39
N ILE C 172 -6.06 2.48 -19.32
CA ILE C 172 -6.36 2.33 -20.73
C ILE C 172 -5.38 1.38 -21.39
N SER C 173 -4.16 1.87 -21.59
CA SER C 173 -3.13 1.12 -22.28
C SER C 173 -2.94 -0.29 -21.73
N GLU C 174 -2.50 -0.39 -20.49
CA GLU C 174 -2.23 -1.68 -19.88
C GLU C 174 -3.50 -2.54 -19.82
N ALA C 175 -4.64 -1.91 -19.61
CA ALA C 175 -5.91 -2.63 -19.61
C ALA C 175 -6.17 -3.30 -20.95
N ALA C 176 -5.84 -2.60 -22.03
CA ALA C 176 -6.00 -3.17 -23.36
C ALA C 176 -4.88 -4.15 -23.72
N ARG C 177 -3.73 -4.00 -23.06
CA ARG C 177 -2.62 -4.89 -23.32
C ARG C 177 -2.82 -6.24 -22.64
N PHE C 178 -3.46 -6.20 -21.47
CA PHE C 178 -3.71 -7.41 -20.70
C PHE C 178 -5.20 -7.65 -20.48
N GLN C 179 -5.65 -8.88 -20.70
CA GLN C 179 -7.02 -9.24 -20.34
C GLN C 179 -7.13 -9.22 -18.84
N TYR C 180 -6.06 -9.68 -18.18
CA TYR C 180 -6.00 -9.74 -16.72
C TYR C 180 -6.19 -8.36 -16.11
N ILE C 181 -5.34 -7.44 -16.53
CA ILE C 181 -5.37 -6.08 -16.01
C ILE C 181 -6.66 -5.37 -16.42
N GLU C 182 -7.21 -5.72 -17.57
CA GLU C 182 -8.51 -5.19 -17.97
C GLU C 182 -9.57 -5.60 -16.95
N GLY C 183 -9.66 -6.91 -16.70
CA GLY C 183 -10.65 -7.43 -15.77
C GLY C 183 -10.52 -6.81 -14.40
N GLU C 184 -9.28 -6.56 -13.98
CA GLU C 184 -9.03 -6.01 -12.65
C GLU C 184 -9.71 -4.66 -12.44
N MET C 185 -9.95 -3.92 -13.51
CA MET C 185 -10.59 -2.60 -13.42
C MET C 185 -12.09 -2.70 -13.25
N ARG C 186 -12.70 -3.63 -13.99
CA ARG C 186 -14.13 -3.90 -13.86
C ARG C 186 -14.50 -4.21 -12.41
N THR C 187 -13.61 -4.96 -11.74
CA THR C 187 -13.80 -5.34 -10.36
C THR C 187 -13.95 -4.12 -9.45
N ARG C 188 -12.97 -3.23 -9.53
CA ARG C 188 -12.95 -2.03 -8.70
C ARG C 188 -14.20 -1.20 -8.97
N ILE C 189 -14.85 -1.51 -10.08
CA ILE C 189 -16.01 -0.74 -10.53
C ILE C 189 -17.33 -1.38 -10.11
N ARG C 190 -17.59 -2.60 -10.57
CA ARG C 190 -18.87 -3.24 -10.32
C ARG C 190 -19.31 -3.12 -8.86
N TYR C 191 -18.37 -3.24 -7.93
CA TYR C 191 -18.66 -2.97 -6.53
C TYR C 191 -18.37 -1.51 -6.21
N ASN C 192 -17.97 -0.76 -7.23
CA ASN C 192 -17.56 0.63 -7.05
C ASN C 192 -16.53 0.81 -5.95
N ARG C 193 -15.35 0.22 -6.12
CA ARG C 193 -14.26 0.47 -5.20
C ARG C 193 -13.16 1.19 -5.92
N ARG C 194 -12.12 1.54 -5.16
CA ARG C 194 -10.96 2.18 -5.72
C ARG C 194 -9.76 1.75 -4.87
N SER C 195 -8.63 1.48 -5.52
CA SER C 195 -7.45 1.03 -4.78
C SER C 195 -6.20 1.03 -5.64
N ALA C 196 -5.07 0.66 -5.03
CA ALA C 196 -3.79 0.59 -5.72
C ALA C 196 -3.57 -0.80 -6.33
N PRO C 197 -2.70 -0.87 -7.36
CA PRO C 197 -2.39 -2.12 -8.06
C PRO C 197 -1.47 -3.07 -7.28
N ASP C 198 -1.69 -4.37 -7.44
CA ASP C 198 -0.84 -5.39 -6.80
C ASP C 198 0.34 -5.77 -7.68
N PRO C 199 1.38 -6.38 -7.07
CA PRO C 199 2.57 -6.82 -7.79
C PRO C 199 2.20 -7.67 -9.00
N SER C 200 1.07 -8.36 -8.91
CA SER C 200 0.56 -9.14 -10.02
C SER C 200 0.53 -8.27 -11.27
N VAL C 201 -0.03 -7.07 -11.11
CA VAL C 201 -0.14 -6.12 -12.21
C VAL C 201 1.18 -5.44 -12.54
N ILE C 202 1.74 -4.70 -11.58
CA ILE C 202 2.95 -3.95 -11.83
C ILE C 202 3.96 -4.83 -12.54
N THR C 203 4.20 -6.02 -12.03
CA THR C 203 5.18 -6.90 -12.64
C THR C 203 4.78 -7.24 -14.09
N LEU C 204 3.48 -7.25 -14.34
CA LEU C 204 2.97 -7.43 -15.70
C LEU C 204 3.30 -6.23 -16.57
N GLU C 205 3.09 -5.04 -16.02
CA GLU C 205 3.35 -3.81 -16.75
C GLU C 205 4.80 -3.73 -17.16
N ASN C 206 5.70 -3.83 -16.18
CA ASN C 206 7.13 -3.80 -16.44
C ASN C 206 7.54 -4.89 -17.41
N SER C 207 6.77 -5.97 -17.43
CA SER C 207 7.14 -7.14 -18.21
C SER C 207 6.49 -7.25 -19.59
N TRP C 208 5.60 -6.32 -19.92
CA TRP C 208 4.82 -6.47 -21.16
C TRP C 208 5.70 -6.51 -22.41
N GLY C 209 6.59 -5.53 -22.56
CA GLY C 209 7.50 -5.52 -23.68
C GLY C 209 8.42 -6.72 -23.64
N ARG C 210 8.70 -7.18 -22.41
CA ARG C 210 9.52 -8.36 -22.17
C ARG C 210 8.84 -9.62 -22.69
N LEU C 211 7.59 -9.81 -22.26
CA LEU C 211 6.81 -10.99 -22.64
C LEU C 211 6.62 -11.04 -24.14
N SER C 212 6.18 -9.93 -24.72
CA SER C 212 5.98 -9.87 -26.16
C SER C 212 7.20 -10.43 -26.87
N THR C 213 8.37 -10.00 -26.42
CA THR C 213 9.63 -10.51 -26.95
C THR C 213 9.75 -12.02 -26.70
N ALA C 214 9.53 -12.42 -25.46
CA ALA C 214 9.71 -13.81 -25.06
C ALA C 214 8.78 -14.72 -25.83
N ILE C 215 7.57 -14.25 -26.08
CA ILE C 215 6.54 -15.07 -26.73
C ILE C 215 6.84 -15.26 -28.21
N GLN C 216 7.23 -14.19 -28.88
CA GLN C 216 7.42 -14.24 -30.33
C GLN C 216 8.73 -14.94 -30.73
N GLU C 217 9.72 -14.90 -29.83
CA GLU C 217 10.99 -15.57 -30.07
C GLU C 217 11.02 -16.96 -29.46
N SER C 218 9.89 -17.35 -28.87
CA SER C 218 9.77 -18.67 -28.25
C SER C 218 9.80 -19.77 -29.28
N ASN C 219 10.29 -20.93 -28.88
CA ASN C 219 10.24 -22.07 -29.76
C ASN C 219 8.94 -22.81 -29.47
N GLN C 220 8.04 -22.77 -30.44
CA GLN C 220 6.74 -23.40 -30.31
C GLN C 220 6.04 -23.02 -29.01
N GLY C 221 6.24 -21.78 -28.56
CA GLY C 221 5.59 -21.29 -27.35
C GLY C 221 6.45 -21.41 -26.12
N ALA C 222 7.55 -22.14 -26.22
CA ALA C 222 8.42 -22.38 -25.09
C ALA C 222 9.49 -21.30 -25.02
N PHE C 223 9.44 -20.50 -23.97
CA PHE C 223 10.38 -19.40 -23.79
C PHE C 223 11.82 -19.90 -23.76
N ALA C 224 12.66 -19.27 -24.58
CA ALA C 224 14.09 -19.57 -24.58
C ALA C 224 14.66 -19.24 -23.22
N SER C 225 14.00 -18.33 -22.51
CA SER C 225 14.37 -17.99 -21.14
C SER C 225 13.13 -17.70 -20.30
N PRO C 226 13.17 -18.03 -19.01
CA PRO C 226 12.06 -17.80 -18.06
C PRO C 226 11.92 -16.31 -17.71
N ILE C 227 10.76 -15.93 -17.18
CA ILE C 227 10.53 -14.55 -16.75
C ILE C 227 9.78 -14.48 -15.43
N GLN C 228 10.31 -13.69 -14.50
CA GLN C 228 9.76 -13.62 -13.16
C GLN C 228 8.74 -12.52 -12.98
N LEU C 229 7.56 -12.90 -12.51
CA LEU C 229 6.53 -11.94 -12.17
C LEU C 229 6.12 -12.22 -10.74
N GLN C 230 5.12 -11.52 -10.27
CA GLN C 230 4.66 -11.71 -8.91
C GLN C 230 3.16 -11.83 -8.88
N ARG C 231 2.63 -12.35 -7.78
CA ARG C 231 1.20 -12.42 -7.60
C ARG C 231 0.88 -11.46 -6.45
N ARG C 232 -0.41 -11.33 -6.13
CA ARG C 232 -0.85 -10.38 -5.11
C ARG C 232 -0.18 -10.66 -3.78
N ASN C 233 0.07 -11.94 -3.52
CA ASN C 233 0.79 -12.35 -2.32
C ASN C 233 2.21 -11.83 -2.36
N GLY C 234 2.60 -11.26 -3.50
CA GLY C 234 3.93 -10.73 -3.70
C GLY C 234 4.89 -11.81 -4.10
N SER C 235 4.50 -13.06 -3.89
CA SER C 235 5.36 -14.20 -4.20
C SER C 235 5.80 -14.16 -5.65
N LYS C 236 7.11 -14.25 -5.85
CA LYS C 236 7.70 -14.38 -7.18
C LYS C 236 7.52 -15.78 -7.74
N PHE C 237 7.64 -15.88 -9.07
CA PHE C 237 7.51 -17.15 -9.77
C PHE C 237 7.79 -16.89 -11.23
N SER C 238 8.08 -17.94 -12.00
CA SER C 238 8.52 -17.77 -13.37
C SER C 238 7.54 -18.36 -14.38
N VAL C 239 7.52 -17.78 -15.57
CA VAL C 239 6.75 -18.31 -16.68
C VAL C 239 7.68 -18.86 -17.76
N TYR C 240 7.57 -20.16 -18.03
CA TYR C 240 8.39 -20.81 -19.03
C TYR C 240 7.67 -20.94 -20.38
N ASP C 241 6.42 -20.49 -20.42
CA ASP C 241 5.56 -20.80 -21.56
C ASP C 241 4.49 -19.74 -21.81
N VAL C 242 4.02 -19.68 -23.05
CA VAL C 242 3.03 -18.69 -23.48
C VAL C 242 1.64 -19.01 -22.94
N SER C 243 1.43 -20.28 -22.62
CA SER C 243 0.13 -20.81 -22.20
C SER C 243 -0.57 -19.96 -21.15
N ILE C 244 0.04 -19.88 -19.97
CA ILE C 244 -0.56 -19.16 -18.86
C ILE C 244 -1.01 -17.76 -19.26
N LEU C 245 -0.29 -17.15 -20.19
CA LEU C 245 -0.44 -15.73 -20.47
C LEU C 245 -1.60 -15.43 -21.43
N ILE C 246 -2.18 -16.47 -22.00
CA ILE C 246 -3.24 -16.28 -22.98
C ILE C 246 -4.50 -15.65 -22.37
N PRO C 247 -4.92 -16.13 -21.19
CA PRO C 247 -6.00 -15.47 -20.46
C PRO C 247 -5.56 -14.11 -19.92
N ILE C 248 -4.25 -13.89 -19.88
CA ILE C 248 -3.68 -12.67 -19.30
C ILE C 248 -3.41 -11.57 -20.34
N ILE C 249 -2.47 -11.84 -21.24
CA ILE C 249 -2.03 -10.84 -22.20
C ILE C 249 -2.89 -10.82 -23.48
N ALA C 250 -3.28 -9.63 -23.89
CA ALA C 250 -4.17 -9.42 -25.02
C ALA C 250 -3.37 -9.12 -26.28
N LEU C 251 -2.64 -8.01 -26.25
CA LEU C 251 -1.85 -7.55 -27.40
C LEU C 251 -0.35 -7.62 -27.14
N MET C 252 0.42 -7.86 -28.20
CA MET C 252 1.87 -7.89 -28.12
C MET C 252 2.48 -6.85 -29.06
N VAL C 253 3.49 -6.14 -28.58
CA VAL C 253 4.25 -5.26 -29.45
C VAL C 253 4.92 -6.12 -30.52
N TYR C 254 4.85 -5.70 -31.77
CA TYR C 254 5.51 -6.45 -32.83
C TYR C 254 6.99 -6.56 -32.51
N ARG C 255 7.50 -7.78 -32.54
CA ARG C 255 8.89 -8.03 -32.20
C ARG C 255 9.58 -8.64 -33.42
N CYS C 256 9.09 -9.80 -33.83
CA CYS C 256 9.61 -10.45 -35.02
C CYS C 256 8.47 -10.84 -35.93
N ALA C 257 8.81 -11.43 -37.07
CA ALA C 257 7.83 -11.99 -37.97
C ALA C 257 7.55 -13.45 -37.59
N PRO C 258 6.36 -13.95 -37.95
CA PRO C 258 5.93 -15.31 -37.61
C PRO C 258 6.75 -16.42 -38.28
N PRO C 259 7.06 -17.49 -37.54
CA PRO C 259 7.74 -18.71 -37.98
C PRO C 259 6.87 -19.55 -38.94
N PRO C 260 7.37 -20.73 -39.39
CA PRO C 260 6.68 -21.61 -40.34
C PRO C 260 5.16 -21.63 -40.21
N VAL D 1 19.16 21.91 -13.06
CA VAL D 1 20.28 22.28 -13.91
C VAL D 1 20.66 23.75 -13.72
N GLN D 2 21.96 24.03 -13.79
CA GLN D 2 22.47 25.39 -13.60
C GLN D 2 23.07 25.94 -14.90
N LEU D 3 22.90 27.24 -15.11
CA LEU D 3 23.34 27.88 -16.34
C LEU D 3 24.49 28.85 -16.11
N VAL D 4 25.40 28.92 -17.08
CA VAL D 4 26.49 29.88 -17.08
C VAL D 4 26.58 30.54 -18.46
N GLU D 5 26.66 31.87 -18.48
CA GLU D 5 26.70 32.62 -19.74
C GLU D 5 28.08 33.19 -20.03
N THR D 6 28.42 33.25 -21.32
CA THR D 6 29.73 33.73 -21.75
C THR D 6 29.55 34.77 -22.83
N GLY D 7 30.62 35.50 -23.13
CA GLY D 7 30.58 36.56 -24.11
C GLY D 7 30.00 37.81 -23.51
N GLY D 8 29.85 38.84 -24.32
CA GLY D 8 29.32 40.10 -23.85
C GLY D 8 30.44 41.04 -23.43
N GLY D 9 30.22 42.33 -23.67
CA GLY D 9 31.24 43.33 -23.39
C GLY D 9 31.10 44.50 -24.34
N THR D 10 32.18 45.27 -24.49
CA THR D 10 32.21 46.44 -25.34
C THR D 10 32.20 46.09 -26.82
N VAL D 11 31.24 46.64 -27.56
CA VAL D 11 31.18 46.49 -29.01
C VAL D 11 30.88 47.86 -29.63
N GLN D 12 31.12 48.01 -30.93
CA GLN D 12 30.86 49.29 -31.59
C GLN D 12 29.79 49.14 -32.65
N THR D 13 29.18 50.25 -33.03
CA THR D 13 28.03 50.23 -33.92
C THR D 13 28.29 49.39 -35.18
N GLY D 14 27.37 48.48 -35.47
CA GLY D 14 27.46 47.65 -36.66
C GLY D 14 28.31 46.40 -36.52
N GLY D 15 28.74 46.11 -35.29
CA GLY D 15 29.63 44.99 -35.03
C GLY D 15 28.93 43.68 -34.68
N SER D 16 29.73 42.68 -34.30
CA SER D 16 29.19 41.37 -33.98
C SER D 16 29.77 40.80 -32.68
N LEU D 17 28.96 40.03 -31.97
CA LEU D 17 29.40 39.31 -30.77
C LEU D 17 28.56 38.05 -30.63
N ARG D 18 29.09 37.03 -29.98
CA ARG D 18 28.35 35.79 -29.82
C ARG D 18 28.22 35.38 -28.36
N LEU D 19 26.98 35.39 -27.87
CA LEU D 19 26.70 34.94 -26.52
C LEU D 19 26.42 33.44 -26.52
N SER D 20 26.87 32.76 -25.48
CA SER D 20 26.61 31.34 -25.33
C SER D 20 26.25 31.02 -23.89
N CYS D 21 25.48 29.96 -23.70
CA CYS D 21 25.13 29.53 -22.35
C CYS D 21 25.30 28.02 -22.22
N SER D 22 26.20 27.62 -21.33
CA SER D 22 26.48 26.21 -21.11
C SER D 22 25.75 25.69 -19.88
N ALA D 23 24.99 24.62 -20.06
CA ALA D 23 24.26 24.00 -18.96
C ALA D 23 24.99 22.75 -18.51
N SER D 24 25.29 22.69 -17.22
CA SER D 24 25.90 21.49 -16.68
C SER D 24 24.84 20.70 -15.91
N GLY D 25 24.70 19.42 -16.27
CA GLY D 25 23.72 18.56 -15.64
C GLY D 25 22.29 18.91 -16.02
N GLY D 26 21.35 18.43 -15.22
CA GLY D 26 19.94 18.66 -15.47
C GLY D 26 19.42 18.03 -16.74
N SER D 27 18.27 18.51 -17.20
CA SER D 27 17.57 17.95 -18.36
C SER D 27 17.96 18.60 -19.69
N PHE D 28 18.97 19.45 -19.67
CA PHE D 28 19.31 20.25 -20.84
C PHE D 28 19.42 19.36 -22.07
N SER D 29 18.99 19.91 -23.20
CA SER D 29 18.88 19.18 -24.47
C SER D 29 17.56 18.43 -24.59
N ARG D 30 16.86 18.27 -23.48
CA ARG D 30 15.42 17.99 -23.51
C ARG D 30 14.63 19.26 -23.24
N ASN D 31 15.35 20.37 -23.05
CA ASN D 31 14.73 21.62 -22.59
C ASN D 31 14.67 22.72 -23.65
N ALA D 32 13.59 23.49 -23.60
CA ALA D 32 13.49 24.71 -24.39
C ALA D 32 14.34 25.78 -23.72
N MET D 33 15.05 26.55 -24.54
CA MET D 33 15.86 27.65 -24.04
C MET D 33 15.32 28.94 -24.62
N GLY D 34 15.58 30.04 -23.94
CA GLY D 34 15.19 31.33 -24.47
C GLY D 34 16.07 32.45 -23.94
N TRP D 35 16.19 33.49 -24.74
CA TRP D 35 17.02 34.62 -24.38
C TRP D 35 16.19 35.86 -24.11
N PHE D 36 16.47 36.53 -22.99
CA PHE D 36 15.81 37.79 -22.65
C PHE D 36 16.85 38.85 -22.31
N ARG D 37 16.47 40.12 -22.44
CA ARG D 37 17.38 41.21 -22.12
C ARG D 37 16.63 42.36 -21.46
N GLN D 38 17.35 43.16 -20.68
CA GLN D 38 16.80 44.40 -20.16
C GLN D 38 17.84 45.51 -20.11
N ALA D 39 17.49 46.67 -20.64
CA ALA D 39 18.30 47.87 -20.46
C ALA D 39 17.83 48.56 -19.20
N PRO D 40 18.71 49.35 -18.57
CA PRO D 40 18.34 50.07 -17.35
C PRO D 40 17.28 51.14 -17.65
N GLY D 41 16.20 51.15 -16.85
CA GLY D 41 15.12 52.09 -17.05
C GLY D 41 14.33 51.81 -18.31
N LYS D 42 14.62 50.66 -18.93
CA LYS D 42 13.90 50.25 -20.12
C LYS D 42 13.20 48.93 -19.87
N GLU D 43 12.20 48.63 -20.68
CA GLU D 43 11.38 47.43 -20.49
C GLU D 43 12.17 46.14 -20.73
N ARG D 44 11.78 45.08 -20.02
CA ARG D 44 12.34 43.75 -20.26
C ARG D 44 11.80 43.25 -21.60
N GLU D 45 12.66 42.66 -22.41
CA GLU D 45 12.27 42.22 -23.74
C GLU D 45 12.57 40.75 -24.00
N PHE D 46 11.70 40.12 -24.77
CA PHE D 46 12.02 38.84 -25.36
C PHE D 46 13.02 39.04 -26.49
N VAL D 47 13.99 38.15 -26.58
CA VAL D 47 14.98 38.24 -27.64
C VAL D 47 14.84 37.08 -28.61
N ALA D 48 15.07 35.87 -28.12
CA ALA D 48 14.98 34.67 -28.96
C ALA D 48 14.60 33.45 -28.14
N ALA D 49 14.03 32.45 -28.80
CA ALA D 49 13.75 31.18 -28.15
C ALA D 49 14.00 30.03 -29.11
N ILE D 50 14.39 28.89 -28.55
CA ILE D 50 14.71 27.71 -29.33
C ILE D 50 14.27 26.49 -28.53
N ASN D 51 13.78 25.48 -29.22
CA ASN D 51 13.31 24.25 -28.55
C ASN D 51 14.41 23.19 -28.43
N TRP D 52 14.02 21.97 -28.02
CA TRP D 52 14.99 20.90 -27.78
C TRP D 52 15.71 20.48 -29.05
N SER D 53 14.95 20.28 -30.12
CA SER D 53 15.45 19.64 -31.34
C SER D 53 16.80 20.16 -31.92
N ALA D 54 16.88 21.42 -32.35
CA ALA D 54 15.79 22.39 -32.29
C ALA D 54 15.40 22.87 -33.69
N SER D 55 14.17 22.55 -34.08
CA SER D 55 13.65 22.87 -35.41
C SER D 55 12.79 24.15 -35.43
N SER D 56 12.60 24.73 -34.26
CA SER D 56 11.71 25.87 -34.11
C SER D 56 12.42 26.99 -33.37
N THR D 57 12.59 28.13 -34.04
CA THR D 57 13.20 29.29 -33.43
C THR D 57 12.25 30.47 -33.55
N TYR D 58 12.18 31.27 -32.49
CA TYR D 58 11.38 32.48 -32.50
C TYR D 58 12.27 33.68 -32.15
N TYR D 59 12.04 34.80 -32.82
CA TYR D 59 12.84 36.01 -32.58
C TYR D 59 11.98 37.25 -32.36
N ARG D 60 12.43 38.11 -31.45
CA ARG D 60 11.84 39.43 -31.25
C ARG D 60 11.80 40.17 -32.59
N ASP D 61 10.69 40.83 -32.89
CA ASP D 61 10.51 41.44 -34.21
C ASP D 61 11.69 42.33 -34.62
N SER D 62 12.15 43.17 -33.71
CA SER D 62 13.24 44.10 -34.01
C SER D 62 14.54 43.38 -34.41
N VAL D 63 14.76 42.17 -33.87
CA VAL D 63 15.97 41.42 -34.16
C VAL D 63 15.83 40.35 -35.25
N LYS D 64 14.63 40.19 -35.79
CA LYS D 64 14.40 39.18 -36.83
C LYS D 64 15.38 39.35 -37.97
N GLY D 65 16.05 38.27 -38.34
CA GLY D 65 16.99 38.30 -39.44
C GLY D 65 18.32 38.96 -39.09
N ARG D 66 18.50 39.32 -37.83
CA ARG D 66 19.77 39.86 -37.35
C ARG D 66 20.41 38.89 -36.35
N PHE D 67 19.72 38.63 -35.25
CA PHE D 67 20.18 37.62 -34.31
C PHE D 67 19.75 36.23 -34.75
N THR D 68 20.60 35.25 -34.47
CA THR D 68 20.25 33.85 -34.67
C THR D 68 20.57 33.08 -33.40
N VAL D 69 19.63 32.28 -32.95
CA VAL D 69 19.82 31.45 -31.77
C VAL D 69 20.13 30.01 -32.17
N SER D 70 21.16 29.45 -31.55
CA SER D 70 21.61 28.10 -31.85
C SER D 70 21.82 27.32 -30.56
N ARG D 71 21.94 26.00 -30.67
CA ARG D 71 22.23 25.18 -29.50
C ARG D 71 23.01 23.94 -29.91
N ASP D 72 23.90 23.48 -29.02
CA ASP D 72 24.52 22.18 -29.17
C ASP D 72 24.25 21.31 -27.95
N ASN D 73 23.40 20.30 -28.10
CA ASN D 73 23.00 19.45 -26.99
C ASN D 73 24.11 18.48 -26.61
N ALA D 74 25.05 18.31 -27.54
CA ALA D 74 26.22 17.49 -27.30
C ALA D 74 27.22 18.25 -26.47
N LYS D 75 27.31 19.56 -26.73
CA LYS D 75 28.17 20.43 -25.95
C LYS D 75 27.43 21.05 -24.77
N ASN D 76 26.12 20.82 -24.71
CA ASN D 76 25.26 21.35 -23.64
C ASN D 76 25.27 22.86 -23.52
N THR D 77 25.40 23.54 -24.66
CA THR D 77 25.38 25.00 -24.65
C THR D 77 24.38 25.51 -25.67
N VAL D 78 23.76 26.64 -25.38
CA VAL D 78 22.87 27.29 -26.33
C VAL D 78 23.54 28.59 -26.76
N TYR D 79 23.41 28.93 -28.04
CA TYR D 79 24.12 30.08 -28.56
C TYR D 79 23.18 31.19 -28.99
N LEU D 80 23.57 32.43 -28.72
CA LEU D 80 22.91 33.58 -29.29
C LEU D 80 23.95 34.35 -30.09
N HIS D 81 23.79 34.34 -31.41
CA HIS D 81 24.72 35.03 -32.29
C HIS D 81 24.16 36.40 -32.61
N LEU D 82 24.84 37.44 -32.15
CA LEU D 82 24.39 38.82 -32.35
C LEU D 82 25.17 39.50 -33.46
N ASN D 83 24.54 39.71 -34.62
CA ASN D 83 25.20 40.42 -35.69
C ASN D 83 24.64 41.83 -35.84
N SER D 84 25.27 42.64 -36.69
CA SER D 84 24.78 43.97 -37.04
C SER D 84 24.17 44.70 -35.83
N LEU D 85 25.01 45.01 -34.84
CA LEU D 85 24.50 45.54 -33.58
C LEU D 85 24.16 47.02 -33.64
N LYS D 86 22.88 47.32 -33.42
CA LYS D 86 22.38 48.67 -33.24
C LYS D 86 22.60 49.12 -31.79
N LEU D 87 22.64 50.42 -31.58
CA LEU D 87 22.72 50.95 -30.21
C LEU D 87 21.56 50.42 -29.37
N GLU D 88 20.44 50.15 -30.02
CA GLU D 88 19.22 49.67 -29.37
C GLU D 88 19.47 48.45 -28.49
N ASP D 89 20.49 47.69 -28.85
CA ASP D 89 20.70 46.36 -28.29
C ASP D 89 21.58 46.35 -27.05
N THR D 90 21.96 47.53 -26.56
CA THR D 90 22.75 47.60 -25.34
C THR D 90 21.89 47.14 -24.16
N ALA D 91 22.35 46.12 -23.44
CA ALA D 91 21.61 45.56 -22.32
C ALA D 91 22.30 44.33 -21.74
N ALA D 92 21.82 43.89 -20.58
CA ALA D 92 22.26 42.63 -20.00
C ALA D 92 21.37 41.50 -20.54
N TYR D 93 22.00 40.49 -21.12
CA TYR D 93 21.30 39.39 -21.78
C TYR D 93 21.22 38.15 -20.90
N TYR D 94 20.01 37.66 -20.68
CA TYR D 94 19.81 36.49 -19.84
C TYR D 94 19.33 35.29 -20.63
N CYS D 95 19.85 34.12 -20.28
CA CYS D 95 19.40 32.88 -20.90
C CYS D 95 18.61 32.05 -19.89
N ALA D 96 17.46 31.55 -20.32
CA ALA D 96 16.61 30.76 -19.44
C ALA D 96 16.07 29.52 -20.13
N GLY D 97 16.19 28.38 -19.47
CA GLY D 97 15.59 27.16 -19.97
C GLY D 97 14.34 26.81 -19.19
N SER D 98 13.56 25.88 -19.72
CA SER D 98 12.43 25.31 -19.01
C SER D 98 12.66 23.82 -18.91
N SER D 99 12.67 23.29 -17.69
CA SER D 99 12.86 21.86 -17.48
C SER D 99 11.56 21.08 -17.69
N VAL D 100 10.44 21.82 -17.74
CA VAL D 100 9.14 21.22 -17.96
C VAL D 100 8.83 20.91 -19.43
N TYR D 101 9.16 21.86 -20.30
CA TYR D 101 8.81 21.73 -21.72
C TYR D 101 10.04 21.74 -22.63
N ALA D 102 10.06 20.83 -23.59
CA ALA D 102 11.07 20.84 -24.63
C ALA D 102 10.65 21.83 -25.71
N GLU D 103 9.37 22.14 -25.74
CA GLU D 103 8.85 23.10 -26.70
C GLU D 103 7.62 23.85 -26.18
N MET D 104 7.47 25.10 -26.60
CA MET D 104 6.36 25.91 -26.17
C MET D 104 5.77 26.70 -27.35
N PRO D 105 4.48 27.05 -27.25
CA PRO D 105 3.62 27.68 -28.27
C PRO D 105 4.07 29.07 -28.74
N TYR D 106 5.04 29.67 -28.04
CA TYR D 106 5.53 31.02 -28.34
C TYR D 106 4.71 32.13 -27.70
N ALA D 107 3.50 31.83 -27.27
CA ALA D 107 2.78 32.76 -26.45
C ALA D 107 3.45 32.65 -25.09
N ASP D 108 3.75 31.41 -24.71
CA ASP D 108 4.48 31.10 -23.50
C ASP D 108 5.98 31.31 -23.70
N SER D 109 6.46 31.11 -24.92
CA SER D 109 7.88 31.23 -25.21
C SER D 109 8.38 32.68 -25.11
N VAL D 110 7.47 33.62 -25.38
CA VAL D 110 7.77 35.04 -25.35
C VAL D 110 7.79 35.62 -23.93
N LYS D 111 7.12 34.95 -23.01
CA LYS D 111 7.06 35.41 -21.62
C LYS D 111 8.13 34.74 -20.77
N ALA D 112 8.70 35.50 -19.84
CA ALA D 112 9.73 34.97 -18.95
C ALA D 112 9.10 34.12 -17.85
N THR D 113 7.78 34.15 -17.78
CA THR D 113 7.03 33.40 -16.77
C THR D 113 7.12 31.89 -17.00
N SER D 114 7.33 31.51 -18.27
CA SER D 114 7.25 30.11 -18.68
C SER D 114 8.56 29.35 -18.46
N TYR D 115 9.60 30.08 -18.09
CA TYR D 115 10.94 29.51 -17.90
C TYR D 115 11.29 29.44 -16.43
N ASN D 116 11.69 28.26 -15.96
CA ASN D 116 11.98 28.06 -14.55
C ASN D 116 13.44 28.13 -14.07
N TYR D 117 14.40 28.29 -14.98
CA TYR D 117 15.80 28.46 -14.56
C TYR D 117 16.65 29.34 -15.47
N TRP D 118 17.60 30.05 -14.87
CA TRP D 118 18.30 31.15 -15.55
C TRP D 118 19.81 31.10 -15.41
N GLY D 119 20.49 31.93 -16.20
CA GLY D 119 21.92 32.14 -16.09
C GLY D 119 22.19 33.38 -15.26
N GLN D 120 23.42 33.88 -15.31
CA GLN D 120 23.79 35.05 -14.50
C GLN D 120 23.78 36.43 -15.20
N GLY D 121 23.39 36.48 -16.47
CA GLY D 121 23.28 37.74 -17.17
C GLY D 121 24.53 38.51 -17.58
N THR D 122 25.36 37.91 -18.42
CA THR D 122 26.51 38.61 -19.01
C THR D 122 26.11 39.94 -19.67
N GLN D 123 26.92 40.97 -19.46
CA GLN D 123 26.60 42.32 -19.93
C GLN D 123 27.02 42.57 -21.37
N VAL D 124 26.19 43.31 -22.12
CA VAL D 124 26.49 43.68 -23.50
C VAL D 124 26.26 45.17 -23.76
N THR D 125 27.29 45.86 -24.22
CA THR D 125 27.19 47.29 -24.53
C THR D 125 27.65 47.60 -25.95
N VAL D 126 26.92 48.49 -26.63
CA VAL D 126 27.24 48.83 -28.02
C VAL D 126 27.59 50.31 -28.19
N SER D 127 28.87 50.58 -28.48
CA SER D 127 29.40 51.94 -28.60
C SER D 127 29.25 52.61 -29.98
N SER D 128 29.24 53.95 -29.97
CA SER D 128 29.28 54.76 -31.18
C SER D 128 29.01 56.22 -30.83
#